data_7S5P
#
_entry.id   7S5P
#
_cell.length_a   145.898
_cell.length_b   145.898
_cell.length_c   111.994
_cell.angle_alpha   90.000
_cell.angle_beta   90.000
_cell.angle_gamma   90.000
#
_symmetry.space_group_name_H-M   'P 41 21 2'
#
loop_
_entity.id
_entity.type
_entity.pdbx_description
1 polymer 'Spike protein S1'
2 polymer 'CS23 Heavy chain'
3 polymer 'CS23 Light chain'
4 non-polymer 2-acetamido-2-deoxy-beta-D-glucopyranose
5 non-polymer 'SULFATE ION'
6 non-polymer 1,2-ETHANEDIOL
7 water water
#
loop_
_entity_poly.entity_id
_entity_poly.type
_entity_poly.pdbx_seq_one_letter_code
_entity_poly.pdbx_strand_id
1 'polypeptide(L)'
;RVQPTESIVRFPNITNLCPFGEVFNATRFASVYAWNRKRISNCVADYSVLYNSASFSTFKCYGVSPTKLNDLCFTNVYAD
SFVIRGDEVRQIAPGQTGNIADYNYKLPDDFTGCVIAWNSNNLDSKVGGNYNYLYRLFRKSNLKPFERDISTEIYQAGST
PCNGVKGFNCYFPLQSYGFQPTYGVGYQPYRVVVLSFELLHAPATVCGPKKSTNLVKNKCVNFSGHHHHHH
;
A
2 'polypeptide(L)'
;EVQLVESGGGLVQPGGSLRLSCAASGFTVSSNYMNWVRQAPGKGLEWVSVIYSGGSTYYADSVKGRFTISRHNSKNTLYL
QMNSLRAEDTAVYYCARGTAMAYGMDVWGQGTTVTVSSASTKGPSVFPLAPSSKSTSGGTAALGCLVKDYFPEPVTVSWN
SGALTSGVHTFPAVLQSSGLYSLSSVVTVPSSSLGTQTYICNVNHKPSNTKVDKKVEPKSC
;
H
3 'polypeptide(L)'
;YELTQPPSVSVAPGQTARITCGGNNIGGQSVHWYQQKPGQAPVLVVYDDSDRPSGIPERFSGSNSGNTATLTISRVEAGD
EADYYCQVWDSSSDHVVFGGGTKLTVLGQPKAAPSVTLFPPSSEELQANKATLVCLISDFYPGAVTVAWKADSSPVKAGV
ETTTPSKQSNNKYAASSYLSLTPEQWKSHRSYSCQVTHEGSTVEKTVAPTECS
;
L
#
loop_
_chem_comp.id
_chem_comp.type
_chem_comp.name
_chem_comp.formula
EDO non-polymer 1,2-ETHANEDIOL 'C2 H6 O2'
NAG D-saccharide, beta linking 2-acetamido-2-deoxy-beta-D-glucopyranose 'C8 H15 N O6'
SO4 non-polymer 'SULFATE ION' 'O4 S -2'
#
# COMPACT_ATOMS: atom_id res chain seq x y z
N ASN A 16 -0.41 -55.95 7.99
CA ASN A 16 0.70 -55.05 8.26
C ASN A 16 0.61 -53.79 7.41
N LEU A 17 -0.52 -53.10 7.50
CA LEU A 17 -0.71 -51.85 6.78
C LEU A 17 0.10 -50.73 7.42
N CYS A 18 0.58 -49.81 6.58
CA CYS A 18 1.34 -48.67 7.09
C CYS A 18 0.43 -47.79 7.94
N PRO A 19 0.94 -47.29 9.08
CA PRO A 19 0.09 -46.55 10.02
C PRO A 19 -0.12 -45.09 9.60
N PHE A 20 -0.65 -44.90 8.39
CA PHE A 20 -0.98 -43.56 7.94
C PHE A 20 -2.19 -42.99 8.67
N GLY A 21 -3.03 -43.85 9.26
CA GLY A 21 -4.22 -43.38 9.93
C GLY A 21 -3.91 -42.52 11.14
N GLU A 22 -2.89 -42.89 11.92
CA GLU A 22 -2.54 -42.13 13.11
C GLU A 22 -1.71 -40.89 12.80
N VAL A 23 -1.42 -40.63 11.52
CA VAL A 23 -0.78 -39.40 11.10
C VAL A 23 -1.80 -38.40 10.55
N PHE A 24 -2.72 -38.87 9.70
CA PHE A 24 -3.72 -37.98 9.12
C PHE A 24 -4.91 -37.77 10.06
N ASN A 25 -5.40 -38.85 10.66
CA ASN A 25 -6.57 -38.78 11.54
C ASN A 25 -6.20 -38.54 12.99
N ALA A 26 -5.02 -37.98 13.25
CA ALA A 26 -4.61 -37.69 14.61
C ALA A 26 -5.51 -36.61 15.23
N THR A 27 -5.80 -36.76 16.51
CA THR A 27 -6.69 -35.81 17.18
C THR A 27 -6.06 -34.43 17.25
N ARG A 28 -4.80 -34.35 17.67
CA ARG A 28 -4.09 -33.08 17.83
C ARG A 28 -2.89 -33.04 16.91
N PHE A 29 -2.53 -31.84 16.45
CA PHE A 29 -1.47 -31.64 15.49
C PHE A 29 -0.40 -30.72 16.06
N ALA A 30 0.82 -30.87 15.57
CA ALA A 30 1.95 -30.09 16.06
C ALA A 30 1.91 -28.67 15.50
N SER A 31 2.60 -27.77 16.19
CA SER A 31 2.85 -26.44 15.65
C SER A 31 3.90 -26.53 14.56
N VAL A 32 3.85 -25.58 13.62
CA VAL A 32 4.78 -25.62 12.49
C VAL A 32 6.22 -25.42 12.97
N TYR A 33 6.42 -24.57 13.98
CA TYR A 33 7.77 -24.36 14.49
C TYR A 33 8.34 -25.60 15.17
N ALA A 34 7.47 -26.51 15.60
CA ALA A 34 7.83 -27.75 16.28
C ALA A 34 7.19 -28.94 15.58
N TRP A 35 7.36 -29.01 14.25
CA TRP A 35 6.65 -29.99 13.45
C TRP A 35 7.01 -31.41 13.86
N ASN A 36 6.05 -32.32 13.69
CA ASN A 36 6.21 -33.69 14.16
C ASN A 36 6.58 -34.60 13.00
N ARG A 37 7.66 -35.36 13.15
CA ARG A 37 8.09 -36.31 12.13
C ARG A 37 7.83 -37.73 12.62
N LYS A 38 7.29 -38.56 11.73
CA LYS A 38 7.02 -39.96 12.01
C LYS A 38 7.62 -40.80 10.89
N ARG A 39 8.45 -41.78 11.25
CA ARG A 39 9.07 -42.65 10.27
C ARG A 39 8.20 -43.86 10.00
N ILE A 40 8.07 -44.23 8.73
CA ILE A 40 7.25 -45.34 8.27
C ILE A 40 8.17 -46.29 7.52
N SER A 41 8.15 -47.56 7.93
CA SER A 41 8.96 -48.60 7.30
C SER A 41 8.32 -49.94 7.63
N ASN A 42 8.69 -50.95 6.83
CA ASN A 42 8.28 -52.33 7.08
C ASN A 42 6.76 -52.49 7.04
N CYS A 43 6.16 -51.97 5.98
CA CYS A 43 4.71 -52.09 5.79
C CYS A 43 4.39 -51.80 4.33
N VAL A 44 3.17 -52.15 3.95
CA VAL A 44 2.63 -51.83 2.62
C VAL A 44 1.69 -50.65 2.76
N ALA A 45 1.67 -49.78 1.75
CA ALA A 45 0.88 -48.57 1.79
C ALA A 45 0.15 -48.37 0.47
N ASP A 46 -1.13 -48.03 0.56
CA ASP A 46 -1.97 -47.80 -0.63
C ASP A 46 -2.15 -46.30 -0.80
N TYR A 47 -1.39 -45.72 -1.72
CA TYR A 47 -1.36 -44.27 -1.89
C TYR A 47 -2.57 -43.73 -2.64
N SER A 48 -3.16 -44.54 -3.52
CA SER A 48 -4.34 -44.07 -4.24
C SER A 48 -5.53 -43.86 -3.30
N VAL A 49 -5.61 -44.65 -2.23
CA VAL A 49 -6.63 -44.42 -1.21
C VAL A 49 -6.42 -43.07 -0.55
N LEU A 50 -5.16 -42.69 -0.33
CA LEU A 50 -4.88 -41.33 0.14
C LEU A 50 -5.36 -40.29 -0.85
N TYR A 51 -5.00 -40.46 -2.13
CA TYR A 51 -5.39 -39.48 -3.14
C TYR A 51 -6.88 -39.49 -3.45
N ASN A 52 -7.63 -40.49 -3.00
CA ASN A 52 -9.05 -40.60 -3.28
C ASN A 52 -9.86 -40.75 -2.00
N SER A 53 -9.53 -39.97 -0.97
CA SER A 53 -10.29 -39.93 0.27
C SER A 53 -10.02 -38.62 0.98
N ALA A 54 -10.87 -38.34 1.97
CA ALA A 54 -10.83 -37.17 2.86
C ALA A 54 -10.95 -35.83 2.15
N SER A 55 -11.13 -35.80 0.82
CA SER A 55 -11.28 -34.57 0.05
C SER A 55 -10.23 -33.54 0.44
N PHE A 56 -8.96 -33.90 0.20
CA PHE A 56 -7.85 -33.02 0.53
C PHE A 56 -7.86 -31.76 -0.32
N SER A 57 -7.61 -30.62 0.33
CA SER A 57 -7.59 -29.34 -0.39
C SER A 57 -6.42 -29.27 -1.36
N THR A 58 -5.23 -29.66 -0.92
CA THR A 58 -4.06 -29.70 -1.79
C THR A 58 -3.38 -31.05 -1.68
N PHE A 59 -2.95 -31.59 -2.81
CA PHE A 59 -2.23 -32.86 -2.89
C PHE A 59 -1.29 -32.76 -4.08
N LYS A 60 -0.05 -32.36 -3.81
CA LYS A 60 0.91 -32.06 -4.86
C LYS A 60 2.16 -32.91 -4.66
N CYS A 61 2.51 -33.71 -5.67
CA CYS A 61 3.66 -34.59 -5.60
C CYS A 61 4.75 -34.11 -6.54
N TYR A 62 5.99 -34.10 -6.06
CA TYR A 62 7.15 -33.66 -6.82
C TYR A 62 8.08 -34.84 -7.03
N GLY A 63 8.44 -35.08 -8.29
CA GLY A 63 9.33 -36.17 -8.64
C GLY A 63 8.69 -37.54 -8.70
N VAL A 64 7.37 -37.64 -8.50
CA VAL A 64 6.69 -38.93 -8.47
C VAL A 64 5.20 -38.67 -8.62
N SER A 65 4.46 -39.71 -9.01
CA SER A 65 3.01 -39.65 -9.11
C SER A 65 2.38 -40.73 -8.23
N PRO A 66 1.20 -40.46 -7.66
CA PRO A 66 0.60 -41.46 -6.75
C PRO A 66 0.34 -42.81 -7.40
N THR A 67 -0.08 -42.81 -8.68
CA THR A 67 -0.31 -44.08 -9.36
C THR A 67 0.98 -44.86 -9.51
N LYS A 68 2.08 -44.17 -9.83
CA LYS A 68 3.39 -44.84 -9.83
C LYS A 68 3.84 -45.15 -8.41
N LEU A 69 3.47 -44.29 -7.44
CA LEU A 69 3.84 -44.55 -6.05
C LEU A 69 3.25 -45.87 -5.56
N ASN A 70 2.08 -46.25 -6.04
CA ASN A 70 1.46 -47.50 -5.62
C ASN A 70 2.25 -48.72 -6.10
N ASP A 71 3.14 -48.55 -7.08
CA ASP A 71 3.97 -49.63 -7.60
C ASP A 71 5.45 -49.30 -7.45
N LEU A 72 5.82 -48.69 -6.32
CA LEU A 72 7.19 -48.27 -6.07
C LEU A 72 7.61 -48.71 -4.68
N CYS A 73 8.92 -48.80 -4.48
CA CYS A 73 9.50 -49.28 -3.22
C CYS A 73 10.53 -48.28 -2.72
N PHE A 74 10.54 -48.05 -1.41
CA PHE A 74 11.43 -47.06 -0.81
C PHE A 74 12.02 -47.61 0.49
N THR A 75 13.18 -47.06 0.85
CA THR A 75 13.84 -47.48 2.08
C THR A 75 13.08 -46.97 3.31
N ASN A 76 12.70 -45.69 3.31
CA ASN A 76 11.96 -45.13 4.42
C ASN A 76 10.95 -44.10 3.89
N VAL A 77 9.91 -43.85 4.67
CA VAL A 77 8.95 -42.80 4.34
C VAL A 77 8.77 -41.93 5.57
N TYR A 78 9.12 -40.66 5.47
CA TYR A 78 8.97 -39.74 6.59
C TYR A 78 7.70 -38.91 6.38
N ALA A 79 6.86 -38.87 7.42
CA ALA A 79 5.63 -38.07 7.41
C ALA A 79 5.78 -36.94 8.41
N ASP A 80 5.79 -35.71 7.93
CA ASP A 80 5.90 -34.52 8.76
C ASP A 80 4.54 -33.83 8.85
N SER A 81 4.07 -33.61 10.07
CA SER A 81 2.76 -33.05 10.32
C SER A 81 2.88 -31.72 11.05
N PHE A 82 2.07 -30.75 10.64
CA PHE A 82 1.97 -29.48 11.35
C PHE A 82 0.70 -28.76 10.91
N VAL A 83 0.50 -27.56 11.47
CA VAL A 83 -0.68 -26.74 11.21
C VAL A 83 -0.23 -25.33 10.85
N ILE A 84 -0.75 -24.81 9.74
CA ILE A 84 -0.48 -23.43 9.34
C ILE A 84 -1.81 -22.83 8.88
N ARG A 85 -1.78 -21.60 8.36
N ARG A 85 -1.79 -21.60 8.37
CA ARG A 85 -2.96 -21.05 7.72
CA ARG A 85 -2.99 -21.10 7.72
C ARG A 85 -2.91 -21.34 6.21
C ARG A 85 -2.92 -21.40 6.22
N GLY A 86 -4.08 -21.30 5.58
CA GLY A 86 -4.18 -21.72 4.18
C GLY A 86 -3.26 -20.94 3.25
N ASP A 87 -3.18 -19.63 3.46
CA ASP A 87 -2.35 -18.80 2.59
C ASP A 87 -0.87 -19.16 2.66
N GLU A 88 -0.45 -19.88 3.69
CA GLU A 88 0.94 -20.32 3.81
C GLU A 88 1.17 -21.73 3.29
N VAL A 89 0.11 -22.42 2.84
CA VAL A 89 0.28 -23.78 2.34
C VAL A 89 1.20 -23.80 1.11
N ARG A 90 1.09 -22.78 0.27
CA ARG A 90 1.96 -22.69 -0.90
C ARG A 90 3.42 -22.51 -0.52
N GLN A 91 3.72 -22.17 0.74
CA GLN A 91 5.11 -22.10 1.20
C GLN A 91 5.71 -23.48 1.41
N ILE A 92 4.90 -24.52 1.55
CA ILE A 92 5.40 -25.87 1.74
C ILE A 92 5.59 -26.46 0.35
N ALA A 93 6.71 -26.09 -0.28
CA ALA A 93 7.03 -26.46 -1.65
C ALA A 93 8.48 -26.10 -1.94
N PRO A 94 9.16 -26.86 -2.79
CA PRO A 94 10.57 -26.54 -3.07
C PRO A 94 10.75 -25.18 -3.70
N GLY A 95 11.81 -24.49 -3.31
CA GLY A 95 12.14 -23.21 -3.88
C GLY A 95 11.27 -22.06 -3.43
N GLN A 96 10.60 -22.18 -2.30
CA GLN A 96 9.71 -21.14 -1.80
C GLN A 96 10.37 -20.34 -0.69
N THR A 97 9.88 -19.13 -0.49
CA THR A 97 10.35 -18.24 0.55
C THR A 97 9.17 -17.79 1.40
N GLY A 98 9.46 -17.13 2.50
CA GLY A 98 8.47 -16.69 3.46
C GLY A 98 8.74 -17.21 4.85
N ASN A 99 7.96 -16.69 5.80
CA ASN A 99 8.20 -16.99 7.21
C ASN A 99 8.16 -18.49 7.47
N ILE A 100 7.13 -19.18 6.95
CA ILE A 100 7.00 -20.61 7.18
C ILE A 100 8.13 -21.37 6.49
N ALA A 101 8.40 -21.02 5.23
CA ALA A 101 9.43 -21.73 4.47
C ALA A 101 10.82 -21.44 5.01
N ASP A 102 11.08 -20.20 5.43
CA ASP A 102 12.44 -19.83 5.81
C ASP A 102 12.75 -20.19 7.25
N TYR A 103 11.82 -19.92 8.17
CA TYR A 103 12.10 -20.02 9.59
C TYR A 103 11.41 -21.17 10.29
N ASN A 104 10.51 -21.89 9.61
CA ASN A 104 9.75 -22.95 10.27
C ASN A 104 9.94 -24.32 9.62
N TYR A 105 9.74 -24.43 8.31
CA TYR A 105 9.82 -25.72 7.63
C TYR A 105 10.26 -25.50 6.20
N LYS A 106 11.40 -26.09 5.83
CA LYS A 106 11.99 -25.87 4.52
C LYS A 106 12.11 -27.20 3.79
N LEU A 107 11.70 -27.23 2.53
CA LEU A 107 11.84 -28.40 1.68
C LEU A 107 13.05 -28.25 0.76
N PRO A 108 13.75 -29.35 0.46
CA PRO A 108 14.89 -29.26 -0.44
C PRO A 108 14.46 -29.00 -1.87
N ASP A 109 15.38 -28.44 -2.65
CA ASP A 109 15.09 -28.20 -4.06
C ASP A 109 14.89 -29.49 -4.83
N ASP A 110 15.54 -30.58 -4.40
CA ASP A 110 15.39 -31.90 -5.02
C ASP A 110 14.28 -32.74 -4.38
N PHE A 111 13.28 -32.10 -3.79
CA PHE A 111 12.29 -32.80 -3.00
C PHE A 111 11.54 -33.84 -3.83
N THR A 112 11.70 -35.11 -3.47
CA THR A 112 10.93 -36.21 -4.04
C THR A 112 9.93 -36.64 -2.99
N GLY A 113 8.66 -36.37 -3.24
CA GLY A 113 7.62 -36.69 -2.27
C GLY A 113 6.41 -35.80 -2.47
N CYS A 114 5.44 -35.98 -1.59
CA CYS A 114 4.15 -35.34 -1.74
C CYS A 114 3.86 -34.42 -0.56
N VAL A 115 3.01 -33.42 -0.82
CA VAL A 115 2.54 -32.48 0.19
C VAL A 115 1.02 -32.52 0.16
N ILE A 116 0.41 -32.80 1.30
CA ILE A 116 -1.03 -32.92 1.45
C ILE A 116 -1.50 -31.93 2.50
N ALA A 117 -2.54 -31.17 2.18
CA ALA A 117 -3.05 -30.18 3.11
C ALA A 117 -4.58 -30.19 3.04
N TRP A 118 -5.22 -30.06 4.19
CA TRP A 118 -6.67 -29.98 4.23
C TRP A 118 -7.12 -29.01 5.29
N ASN A 119 -8.25 -28.36 5.02
CA ASN A 119 -8.81 -27.37 5.94
C ASN A 119 -9.24 -28.05 7.24
N SER A 120 -8.88 -27.46 8.35
CA SER A 120 -9.21 -27.96 9.68
C SER A 120 -9.83 -26.88 10.53
N ASN A 121 -10.69 -26.06 9.94
CA ASN A 121 -11.36 -24.99 10.70
C ASN A 121 -12.26 -25.58 11.78
N ASN A 122 -12.97 -26.67 11.47
CA ASN A 122 -13.88 -27.27 12.43
C ASN A 122 -13.16 -27.89 13.62
N LEU A 123 -11.86 -28.13 13.51
CA LEU A 123 -11.08 -28.74 14.58
C LEU A 123 -10.17 -27.75 15.30
N ASP A 124 -9.42 -26.94 14.56
CA ASP A 124 -8.34 -26.15 15.13
C ASP A 124 -8.71 -24.67 15.30
N SER A 125 -10.00 -24.34 15.25
CA SER A 125 -10.46 -22.98 15.47
C SER A 125 -11.36 -22.93 16.70
N LYS A 126 -11.28 -21.80 17.41
CA LYS A 126 -12.10 -21.57 18.59
C LYS A 126 -12.69 -20.17 18.54
N VAL A 127 -13.85 -20.00 19.16
CA VAL A 127 -14.58 -18.75 19.06
C VAL A 127 -13.76 -17.60 19.62
N GLY A 128 -13.13 -17.80 20.78
CA GLY A 128 -12.25 -16.77 21.30
C GLY A 128 -10.90 -16.68 20.65
N GLY A 129 -10.60 -17.62 19.74
CA GLY A 129 -9.30 -17.67 19.11
C GLY A 129 -8.43 -18.79 19.66
N ASN A 130 -7.95 -19.67 18.78
CA ASN A 130 -7.06 -20.76 19.17
C ASN A 130 -5.62 -20.27 19.04
N TYR A 131 -4.97 -20.05 20.18
CA TYR A 131 -3.61 -19.55 20.21
C TYR A 131 -2.58 -20.63 20.52
N ASN A 132 -2.98 -21.91 20.53
CA ASN A 132 -2.04 -22.97 20.82
C ASN A 132 -1.09 -23.27 19.67
N TYR A 133 -1.36 -22.75 18.48
CA TYR A 133 -0.51 -22.98 17.32
C TYR A 133 0.40 -21.77 17.12
N LEU A 134 1.69 -22.01 17.05
CA LEU A 134 2.69 -20.95 16.95
C LEU A 134 3.57 -21.16 15.73
N TYR A 135 4.11 -20.05 15.23
CA TYR A 135 5.04 -20.06 14.11
C TYR A 135 6.20 -19.12 14.43
N ARG A 136 7.38 -19.44 13.91
CA ARG A 136 8.55 -18.59 14.13
C ARG A 136 8.50 -17.40 13.17
N LEU A 137 8.68 -16.20 13.73
CA LEU A 137 8.69 -14.97 12.96
C LEU A 137 10.06 -14.34 12.82
N PHE A 138 10.93 -14.49 13.83
CA PHE A 138 12.26 -13.90 13.82
C PHE A 138 13.31 -14.99 13.84
N ARG A 139 14.25 -14.92 12.90
CA ARG A 139 15.40 -15.81 12.88
C ARG A 139 16.49 -15.14 12.06
N LYS A 140 17.75 -15.32 12.49
CA LYS A 140 18.86 -14.64 11.84
C LYS A 140 19.14 -15.19 10.45
N SER A 141 19.01 -16.50 10.27
CA SER A 141 19.32 -17.15 9.01
C SER A 141 18.22 -18.14 8.65
N ASN A 142 18.06 -18.39 7.36
CA ASN A 142 17.05 -19.32 6.89
C ASN A 142 17.39 -20.75 7.31
N LEU A 143 16.35 -21.53 7.58
CA LEU A 143 16.53 -22.93 7.95
C LEU A 143 17.07 -23.73 6.77
N LYS A 144 17.93 -24.70 7.07
CA LYS A 144 18.31 -25.68 6.08
C LYS A 144 17.16 -26.65 5.86
N PRO A 145 17.15 -27.37 4.74
CA PRO A 145 16.04 -28.30 4.47
C PRO A 145 15.89 -29.34 5.58
N PHE A 146 14.64 -29.55 5.99
CA PHE A 146 14.25 -30.50 7.04
C PHE A 146 14.85 -30.18 8.39
N GLU A 147 15.40 -28.99 8.58
CA GLU A 147 15.93 -28.59 9.87
C GLU A 147 14.79 -28.13 10.78
N ARG A 148 14.95 -28.36 12.08
CA ARG A 148 13.94 -28.03 13.07
C ARG A 148 14.54 -27.11 14.13
N ASP A 149 13.80 -26.06 14.47
CA ASP A 149 14.23 -25.09 15.50
C ASP A 149 13.05 -24.84 16.44
N ILE A 150 13.13 -25.39 17.65
CA ILE A 150 12.11 -25.16 18.66
C ILE A 150 12.64 -24.29 19.81
N SER A 151 13.75 -23.60 19.58
CA SER A 151 14.29 -22.71 20.60
C SER A 151 13.42 -21.47 20.77
N THR A 152 13.37 -20.96 22.00
CA THR A 152 12.58 -19.78 22.32
C THR A 152 13.45 -18.67 22.91
N GLU A 153 14.71 -18.60 22.50
CA GLU A 153 15.60 -17.57 23.01
C GLU A 153 15.24 -16.21 22.40
N ILE A 154 15.33 -15.17 23.23
CA ILE A 154 14.87 -13.85 22.82
C ILE A 154 15.73 -13.36 21.66
N TYR A 155 15.08 -13.01 20.54
CA TYR A 155 15.79 -12.58 19.35
C TYR A 155 16.43 -11.22 19.57
N GLN A 156 17.72 -11.12 19.26
CA GLN A 156 18.49 -9.89 19.43
C GLN A 156 18.57 -9.17 18.09
N ALA A 157 17.84 -8.06 17.96
CA ALA A 157 17.85 -7.29 16.73
C ALA A 157 18.90 -6.19 16.71
N GLY A 158 19.26 -5.67 17.88
CA GLY A 158 20.28 -4.63 17.98
C GLY A 158 21.62 -5.20 18.42
N SER A 159 22.53 -4.27 18.70
CA SER A 159 23.86 -4.66 19.20
C SER A 159 23.84 -4.95 20.69
N THR A 160 22.89 -4.36 21.43
CA THR A 160 22.82 -4.57 22.86
C THR A 160 22.32 -5.98 23.17
N PRO A 161 22.89 -6.64 24.18
CA PRO A 161 22.38 -7.95 24.57
C PRO A 161 20.98 -7.87 25.13
N CYS A 162 20.22 -8.96 24.97
CA CYS A 162 18.83 -8.98 25.40
C CYS A 162 18.66 -9.49 26.82
N ASN A 163 19.52 -10.40 27.27
CA ASN A 163 19.49 -10.96 28.62
C ASN A 163 18.18 -11.67 28.92
N GLY A 164 17.48 -12.15 27.90
CA GLY A 164 16.29 -12.96 28.09
C GLY A 164 15.03 -12.21 28.47
N VAL A 165 14.98 -10.90 28.24
CA VAL A 165 13.81 -10.09 28.56
C VAL A 165 13.33 -9.37 27.30
N LYS A 166 12.01 -9.32 27.13
CA LYS A 166 11.45 -8.61 25.98
C LYS A 166 11.65 -7.11 26.13
N GLY A 167 11.98 -6.45 25.02
CA GLY A 167 12.18 -5.02 25.03
C GLY A 167 12.53 -4.52 23.65
N PHE A 168 13.07 -3.30 23.61
CA PHE A 168 13.51 -2.74 22.34
C PHE A 168 14.59 -3.60 21.73
N ASN A 169 14.45 -3.90 20.44
CA ASN A 169 15.35 -4.78 19.69
C ASN A 169 15.41 -6.19 20.29
N CYS A 170 14.47 -6.54 21.16
CA CYS A 170 14.45 -7.83 21.85
C CYS A 170 13.05 -8.42 21.71
N TYR A 171 12.85 -9.20 20.66
CA TYR A 171 11.54 -9.74 20.32
C TYR A 171 11.42 -11.21 20.71
N PHE A 172 10.22 -11.60 21.09
CA PHE A 172 9.92 -13.02 21.26
C PHE A 172 9.84 -13.69 19.89
N PRO A 173 10.55 -14.80 19.66
CA PRO A 173 10.64 -15.32 18.28
C PRO A 173 9.34 -15.87 17.76
N LEU A 174 8.47 -16.42 18.61
CA LEU A 174 7.26 -17.09 18.15
C LEU A 174 6.09 -16.13 18.13
N GLN A 175 5.15 -16.42 17.25
CA GLN A 175 3.92 -15.64 17.11
C GLN A 175 2.75 -16.62 16.98
N SER A 176 1.56 -16.15 17.38
CA SER A 176 0.37 -16.98 17.44
C SER A 176 -0.58 -16.68 16.30
N TYR A 177 -1.22 -17.73 15.77
CA TYR A 177 -2.19 -17.55 14.69
C TYR A 177 -3.50 -16.97 15.21
N GLY A 178 -3.97 -17.44 16.36
CA GLY A 178 -5.24 -16.99 16.90
C GLY A 178 -6.42 -17.36 16.04
N PHE A 179 -6.46 -18.62 15.60
CA PHE A 179 -7.47 -19.08 14.65
C PHE A 179 -8.88 -18.85 15.19
N GLN A 180 -9.73 -18.27 14.36
CA GLN A 180 -11.13 -18.05 14.68
C GLN A 180 -11.99 -18.61 13.55
N PRO A 181 -13.17 -19.16 13.89
CA PRO A 181 -14.02 -19.74 12.84
C PRO A 181 -14.45 -18.73 11.79
N THR A 182 -14.62 -17.47 12.18
CA THR A 182 -15.08 -16.42 11.26
C THR A 182 -13.97 -15.91 10.35
N TYR A 183 -12.74 -16.39 10.51
CA TYR A 183 -11.64 -15.95 9.66
C TYR A 183 -11.88 -16.37 8.21
N GLY A 184 -11.19 -15.69 7.30
CA GLY A 184 -11.22 -16.12 5.92
C GLY A 184 -10.51 -17.43 5.70
N VAL A 185 -10.76 -18.04 4.54
CA VAL A 185 -10.18 -19.34 4.23
C VAL A 185 -8.65 -19.27 4.22
N GLY A 186 -8.10 -18.23 3.60
CA GLY A 186 -6.65 -18.07 3.63
C GLY A 186 -6.08 -17.88 5.02
N TYR A 187 -6.93 -17.52 5.99
CA TYR A 187 -6.51 -17.34 7.37
C TYR A 187 -7.12 -18.38 8.29
N GLN A 188 -7.62 -19.50 7.74
CA GLN A 188 -8.16 -20.61 8.51
C GLN A 188 -7.09 -21.67 8.73
N PRO A 189 -7.20 -22.46 9.80
CA PRO A 189 -6.20 -23.49 10.07
C PRO A 189 -6.28 -24.63 9.06
N TYR A 190 -5.14 -24.96 8.47
CA TYR A 190 -4.98 -26.09 7.57
C TYR A 190 -3.94 -27.03 8.16
N ARG A 191 -4.27 -28.33 8.13
CA ARG A 191 -3.35 -29.37 8.59
C ARG A 191 -2.57 -29.89 7.39
N VAL A 192 -1.26 -30.03 7.56
CA VAL A 192 -0.35 -30.35 6.47
C VAL A 192 0.46 -31.58 6.86
N VAL A 193 0.52 -32.55 5.94
CA VAL A 193 1.36 -33.73 6.05
C VAL A 193 2.25 -33.79 4.82
N VAL A 194 3.55 -33.88 5.06
CA VAL A 194 4.55 -33.95 4.00
C VAL A 194 5.15 -35.35 4.02
N LEU A 195 5.02 -36.05 2.91
CA LEU A 195 5.57 -37.39 2.76
C LEU A 195 6.85 -37.31 1.96
N SER A 196 7.98 -37.64 2.59
CA SER A 196 9.26 -37.76 1.92
C SER A 196 9.57 -39.24 1.72
N PHE A 197 10.07 -39.58 0.52
CA PHE A 197 10.38 -40.95 0.15
C PHE A 197 11.89 -41.09 0.03
N GLU A 198 12.51 -41.76 1.01
CA GLU A 198 13.96 -41.95 1.05
C GLU A 198 14.30 -43.31 0.47
N LEU A 199 15.17 -43.32 -0.54
CA LEU A 199 15.60 -44.53 -1.22
C LEU A 199 17.12 -44.61 -1.12
N LEU A 200 17.62 -45.41 -0.18
CA LEU A 200 19.05 -45.56 0.04
C LEU A 200 19.53 -46.88 -0.57
N HIS A 201 20.79 -47.22 -0.32
CA HIS A 201 21.33 -48.50 -0.76
C HIS A 201 21.02 -49.58 0.26
N ALA A 202 19.74 -49.69 0.62
CA ALA A 202 19.21 -50.65 1.59
C ALA A 202 17.96 -51.30 1.02
N PRO A 203 17.62 -52.51 1.45
CA PRO A 203 16.40 -53.15 0.95
C PRO A 203 15.17 -52.31 1.27
N ALA A 204 14.42 -51.99 0.22
CA ALA A 204 13.22 -51.17 0.35
C ALA A 204 12.13 -51.98 1.05
N THR A 205 11.80 -51.60 2.29
CA THR A 205 10.87 -52.37 3.10
C THR A 205 9.44 -51.86 3.00
N VAL A 206 9.23 -50.60 2.61
CA VAL A 206 7.89 -50.03 2.48
C VAL A 206 7.57 -49.88 0.99
N CYS A 207 6.49 -50.53 0.56
CA CYS A 207 6.13 -50.61 -0.85
C CYS A 207 4.61 -50.47 -0.97
N GLY A 208 4.13 -50.59 -2.21
CA GLY A 208 2.72 -50.59 -2.49
C GLY A 208 2.24 -51.98 -2.88
N PRO A 209 0.91 -52.14 -3.01
CA PRO A 209 0.30 -53.43 -3.37
C PRO A 209 0.79 -53.96 -4.73
N GLU B 1 19.62 8.18 19.35
CA GLU B 1 20.66 7.57 18.54
C GLU B 1 20.07 6.57 17.55
N VAL B 2 18.85 6.12 17.83
CA VAL B 2 18.11 5.23 16.94
C VAL B 2 17.59 6.07 15.78
N GLN B 3 18.24 5.98 14.62
CA GLN B 3 17.87 6.80 13.49
C GLN B 3 18.08 6.04 12.19
N LEU B 4 17.33 6.45 11.17
CA LEU B 4 17.56 6.05 9.79
C LEU B 4 17.79 7.31 8.98
N VAL B 5 18.89 7.36 8.25
CA VAL B 5 19.26 8.53 7.45
C VAL B 5 19.32 8.11 6.00
N GLU B 6 18.51 8.76 5.17
CA GLU B 6 18.41 8.42 3.75
C GLU B 6 19.27 9.36 2.92
N SER B 7 19.63 8.88 1.72
CA SER B 7 20.43 9.64 0.78
C SER B 7 20.31 9.01 -0.60
N GLY B 8 20.75 9.75 -1.61
CA GLY B 8 20.80 9.26 -2.97
C GLY B 8 19.69 9.75 -3.87
N GLY B 9 18.70 10.45 -3.33
CA GLY B 9 17.61 10.95 -4.15
C GLY B 9 18.02 12.14 -4.99
N GLY B 10 17.16 12.46 -5.95
CA GLY B 10 17.43 13.59 -6.83
C GLY B 10 16.61 13.48 -8.10
N LEU B 11 17.12 14.15 -9.14
CA LEU B 11 16.45 14.21 -10.44
C LEU B 11 17.07 13.19 -11.38
N VAL B 12 16.22 12.38 -12.00
CA VAL B 12 16.67 11.34 -12.92
C VAL B 12 15.79 11.38 -14.17
N GLN B 13 16.40 11.21 -15.33
CA GLN B 13 15.65 11.14 -16.57
C GLN B 13 14.86 9.83 -16.63
N PRO B 14 13.72 9.82 -17.31
CA PRO B 14 12.96 8.57 -17.45
C PRO B 14 13.80 7.49 -18.11
N GLY B 15 13.67 6.27 -17.61
CA GLY B 15 14.47 5.15 -18.06
C GLY B 15 15.84 5.04 -17.43
N GLY B 16 16.20 5.96 -16.54
CA GLY B 16 17.49 5.94 -15.90
C GLY B 16 17.52 5.05 -14.67
N SER B 17 18.66 5.09 -13.99
CA SER B 17 18.90 4.30 -12.80
C SER B 17 19.26 5.21 -11.64
N LEU B 18 19.00 4.74 -10.42
CA LEU B 18 19.32 5.51 -9.23
C LEU B 18 19.35 4.57 -8.04
N ARG B 19 20.31 4.79 -7.14
CA ARG B 19 20.45 3.97 -5.94
C ARG B 19 20.17 4.83 -4.71
N LEU B 20 19.36 4.31 -3.80
CA LEU B 20 19.02 4.97 -2.55
C LEU B 20 19.69 4.25 -1.40
N SER B 21 20.24 5.02 -0.46
CA SER B 21 20.93 4.48 0.70
C SER B 21 20.21 4.90 1.96
N CYS B 22 20.22 4.02 2.96
CA CYS B 22 19.58 4.27 4.25
C CYS B 22 20.51 3.71 5.33
N ALA B 23 21.23 4.60 6.00
CA ALA B 23 22.15 4.23 7.06
C ALA B 23 21.42 4.17 8.39
N ALA B 24 21.63 3.09 9.13
CA ALA B 24 20.91 2.81 10.37
C ALA B 24 21.83 2.98 11.57
N SER B 25 21.26 3.47 12.67
CA SER B 25 21.95 3.51 13.95
C SER B 25 20.96 3.13 15.04
N GLY B 26 21.39 2.27 15.95
CA GLY B 26 20.54 1.79 17.02
C GLY B 26 20.00 0.39 16.84
N PHE B 27 20.19 -0.21 15.67
CA PHE B 27 19.83 -1.61 15.45
C PHE B 27 20.63 -2.12 14.26
N THR B 28 20.64 -3.45 14.09
CA THR B 28 21.40 -4.09 13.04
C THR B 28 20.47 -4.42 11.87
N VAL B 29 20.81 -3.89 10.69
CA VAL B 29 19.96 -4.06 9.51
C VAL B 29 19.91 -5.52 9.09
N SER B 30 21.04 -6.21 9.13
CA SER B 30 21.10 -7.58 8.60
C SER B 30 20.24 -8.55 9.38
N SER B 31 19.83 -8.20 10.60
CA SER B 31 19.03 -9.09 11.44
C SER B 31 17.62 -8.55 11.66
N ASN B 32 17.16 -7.65 10.80
CA ASN B 32 15.87 -7.00 10.98
C ASN B 32 15.09 -7.03 9.68
N TYR B 33 13.77 -7.01 9.80
CA TYR B 33 12.91 -6.76 8.65
C TYR B 33 13.09 -5.31 8.22
N MET B 34 13.46 -5.08 6.98
CA MET B 34 13.71 -3.72 6.50
C MET B 34 12.85 -3.44 5.27
N ASN B 35 12.12 -2.33 5.29
CA ASN B 35 11.17 -1.99 4.25
C ASN B 35 11.56 -0.67 3.60
N TRP B 36 11.35 -0.59 2.29
CA TRP B 36 11.30 0.66 1.56
C TRP B 36 9.83 0.95 1.28
N VAL B 37 9.37 2.14 1.67
CA VAL B 37 8.00 2.59 1.48
C VAL B 37 8.03 3.97 0.84
N ARG B 38 7.32 4.14 -0.26
CA ARG B 38 7.31 5.43 -0.96
C ARG B 38 5.96 6.10 -0.85
N GLN B 39 5.96 7.41 -1.12
CA GLN B 39 4.74 8.21 -1.11
C GLN B 39 4.84 9.24 -2.23
N ALA B 40 3.94 9.14 -3.20
CA ALA B 40 3.88 10.14 -4.25
C ALA B 40 3.31 11.45 -3.68
N PRO B 41 3.66 12.58 -4.28
CA PRO B 41 3.17 13.87 -3.76
C PRO B 41 1.66 13.97 -3.87
N GLY B 42 1.01 14.13 -2.71
CA GLY B 42 -0.43 14.25 -2.65
C GLY B 42 -1.19 12.95 -2.50
N LYS B 43 -0.55 11.82 -2.78
CA LYS B 43 -1.19 10.52 -2.66
C LYS B 43 -0.79 9.86 -1.34
N GLY B 44 -1.32 8.66 -1.10
CA GLY B 44 -1.08 7.95 0.13
C GLY B 44 0.22 7.18 0.13
N LEU B 45 0.44 6.47 1.23
CA LEU B 45 1.63 5.65 1.36
C LEU B 45 1.52 4.39 0.52
N GLU B 46 2.62 4.00 -0.12
CA GLU B 46 2.68 2.80 -0.92
C GLU B 46 3.93 2.01 -0.54
N TRP B 47 3.74 0.81 -0.03
CA TRP B 47 4.86 -0.07 0.26
C TRP B 47 5.57 -0.48 -1.03
N VAL B 48 6.89 -0.46 -1.01
CA VAL B 48 7.71 -0.78 -2.18
C VAL B 48 8.37 -2.15 -2.03
N SER B 49 9.13 -2.36 -0.96
CA SER B 49 9.88 -3.60 -0.84
C SER B 49 10.16 -3.93 0.61
N VAL B 50 10.46 -5.19 0.87
CA VAL B 50 10.88 -5.65 2.20
C VAL B 50 11.95 -6.71 2.03
N ILE B 51 12.92 -6.71 2.95
CA ILE B 51 13.94 -7.75 3.06
C ILE B 51 13.84 -8.37 4.45
N TYR B 52 13.80 -9.69 4.49
CA TYR B 52 13.73 -10.47 5.71
C TYR B 52 15.11 -10.54 6.35
N SER B 53 15.13 -10.97 7.62
CA SER B 53 16.41 -11.16 8.29
C SER B 53 17.23 -12.24 7.60
N GLY B 54 16.58 -13.32 7.16
CA GLY B 54 17.27 -14.41 6.49
C GLY B 54 17.63 -14.15 5.04
N GLY B 55 17.22 -13.02 4.48
CA GLY B 55 17.59 -12.63 3.14
C GLY B 55 16.46 -12.65 2.13
N SER B 56 15.33 -13.26 2.45
CA SER B 56 14.21 -13.30 1.51
C SER B 56 13.70 -11.89 1.25
N THR B 57 13.28 -11.64 0.01
CA THR B 57 12.84 -10.33 -0.42
C THR B 57 11.45 -10.41 -1.02
N TYR B 58 10.69 -9.32 -0.86
CA TYR B 58 9.39 -9.16 -1.48
C TYR B 58 9.29 -7.76 -2.06
N TYR B 59 8.63 -7.64 -3.20
CA TYR B 59 8.46 -6.37 -3.89
C TYR B 59 7.00 -6.16 -4.25
N ALA B 60 6.60 -4.89 -4.34
CA ALA B 60 5.26 -4.57 -4.80
C ALA B 60 5.13 -4.82 -6.30
N ASP B 61 3.89 -5.05 -6.73
CA ASP B 61 3.64 -5.33 -8.15
C ASP B 61 4.14 -4.18 -9.03
N SER B 62 4.03 -2.94 -8.54
CA SER B 62 4.39 -1.78 -9.33
C SER B 62 5.89 -1.67 -9.59
N VAL B 63 6.72 -2.34 -8.81
CA VAL B 63 8.16 -2.23 -8.96
C VAL B 63 8.82 -3.58 -9.24
N LYS B 64 8.03 -4.64 -9.42
CA LYS B 64 8.59 -5.96 -9.65
C LYS B 64 9.41 -5.98 -10.93
N GLY B 65 10.59 -6.60 -10.86
CA GLY B 65 11.48 -6.71 -12.00
C GLY B 65 12.37 -5.52 -12.24
N ARG B 66 12.14 -4.38 -11.59
CA ARG B 66 12.94 -3.18 -11.78
C ARG B 66 13.73 -2.79 -10.54
N PHE B 67 13.15 -2.94 -9.35
CA PHE B 67 13.77 -2.52 -8.11
C PHE B 67 14.44 -3.70 -7.43
N THR B 68 15.47 -3.41 -6.65
CA THR B 68 16.20 -4.46 -5.92
C THR B 68 16.57 -3.93 -4.54
N ILE B 69 16.15 -4.66 -3.51
CA ILE B 69 16.48 -4.34 -2.13
C ILE B 69 17.73 -5.13 -1.74
N SER B 70 18.61 -4.50 -0.97
CA SER B 70 19.85 -5.16 -0.55
C SER B 70 20.35 -4.50 0.73
N ARG B 71 21.42 -5.08 1.28
CA ARG B 71 21.96 -4.59 2.54
C ARG B 71 23.46 -4.80 2.55
N HIS B 72 24.13 -4.04 3.40
CA HIS B 72 25.57 -4.19 3.65
C HIS B 72 25.78 -4.12 5.15
N ASN B 73 26.22 -5.23 5.74
CA ASN B 73 26.42 -5.28 7.19
C ASN B 73 27.65 -4.49 7.61
N SER B 74 28.65 -4.38 6.73
CA SER B 74 29.85 -3.62 7.06
C SER B 74 29.52 -2.17 7.37
N LYS B 75 28.66 -1.55 6.56
CA LYS B 75 28.22 -0.19 6.79
C LYS B 75 26.87 -0.12 7.48
N ASN B 76 26.25 -1.28 7.77
CA ASN B 76 24.94 -1.35 8.41
C ASN B 76 23.91 -0.50 7.64
N THR B 77 23.89 -0.69 6.33
CA THR B 77 23.13 0.18 5.45
C THR B 77 22.20 -0.63 4.55
N LEU B 78 20.97 -0.15 4.40
CA LEU B 78 20.02 -0.70 3.46
C LEU B 78 20.10 0.06 2.13
N TYR B 79 19.91 -0.66 1.03
CA TYR B 79 20.04 -0.07 -0.30
C TYR B 79 18.85 -0.47 -1.16
N LEU B 80 18.43 0.46 -2.03
CA LEU B 80 17.39 0.22 -3.01
C LEU B 80 17.88 0.67 -4.38
N GLN B 81 18.19 -0.28 -5.26
CA GLN B 81 18.57 0.03 -6.63
C GLN B 81 17.30 0.08 -7.49
N MET B 82 17.16 1.15 -8.27
CA MET B 82 15.95 1.41 -9.04
C MET B 82 16.35 1.64 -10.49
N ASN B 83 15.94 0.72 -11.37
CA ASN B 83 16.25 0.79 -12.79
C ASN B 83 14.96 0.91 -13.60
N SER B 84 15.12 1.33 -14.86
CA SER B 84 14.00 1.52 -15.78
C SER B 84 12.94 2.43 -15.17
N LEU B 85 13.39 3.55 -14.61
CA LEU B 85 12.51 4.47 -13.90
C LEU B 85 11.52 5.13 -14.85
N ARG B 86 10.31 5.36 -14.34
CA ARG B 86 9.25 6.08 -15.05
C ARG B 86 8.79 7.27 -14.20
N ALA B 87 7.95 8.10 -14.81
CA ALA B 87 7.46 9.29 -14.14
C ALA B 87 6.63 8.94 -12.89
N GLU B 88 5.89 7.83 -12.94
CA GLU B 88 5.05 7.45 -11.81
C GLU B 88 5.85 7.09 -10.57
N ASP B 89 7.16 6.89 -10.70
CA ASP B 89 8.02 6.60 -9.55
C ASP B 89 8.44 7.85 -8.80
N THR B 90 8.10 9.04 -9.28
CA THR B 90 8.43 10.28 -8.59
C THR B 90 7.74 10.32 -7.24
N ALA B 91 8.52 10.26 -6.16
CA ALA B 91 7.96 10.16 -4.82
C ALA B 91 9.03 10.43 -3.78
N VAL B 92 8.59 10.56 -2.53
CA VAL B 92 9.50 10.57 -1.38
C VAL B 92 9.59 9.14 -0.85
N TYR B 93 10.80 8.65 -0.72
CA TYR B 93 11.06 7.27 -0.30
C TYR B 93 11.60 7.26 1.12
N TYR B 94 10.92 6.52 2.01
CA TYR B 94 11.34 6.28 3.37
C TYR B 94 11.81 4.84 3.52
N CYS B 95 12.77 4.64 4.42
CA CYS B 95 13.13 3.31 4.88
C CYS B 95 12.59 3.14 6.30
N ALA B 96 12.18 1.92 6.62
CA ALA B 96 11.60 1.63 7.93
C ALA B 96 12.03 0.24 8.37
N ARG B 97 11.97 0.00 9.67
CA ARG B 97 12.30 -1.29 10.26
C ARG B 97 11.03 -1.92 10.83
N GLY B 98 10.87 -3.21 10.60
CA GLY B 98 9.77 -3.98 11.16
C GLY B 98 9.04 -4.78 10.10
N THR B 99 8.17 -5.66 10.59
CA THR B 99 7.32 -6.47 9.73
C THR B 99 5.86 -6.16 10.03
N ALA B 100 5.05 -6.10 8.98
CA ALA B 100 3.62 -5.84 9.17
C ALA B 100 2.90 -7.01 9.80
N MET B 101 3.55 -8.19 9.89
CA MET B 101 2.91 -9.33 10.52
C MET B 101 2.80 -9.16 12.02
N ALA B 102 3.74 -8.45 12.64
CA ALA B 102 3.68 -8.18 14.08
C ALA B 102 4.55 -6.99 14.43
N TYR B 103 4.08 -6.18 15.38
CA TYR B 103 4.81 -5.07 15.99
C TYR B 103 4.97 -3.88 15.05
N GLY B 104 4.60 -4.06 13.78
CA GLY B 104 4.62 -2.95 12.85
C GLY B 104 6.01 -2.41 12.55
N MET B 105 6.00 -1.21 11.95
CA MET B 105 7.20 -0.46 11.58
C MET B 105 7.35 0.72 12.53
N ASP B 106 8.36 0.66 13.40
CA ASP B 106 8.52 1.64 14.47
C ASP B 106 9.44 2.79 14.10
N VAL B 107 10.65 2.49 13.63
CA VAL B 107 11.64 3.52 13.33
C VAL B 107 11.61 3.80 11.83
N TRP B 108 11.48 5.08 11.47
CA TRP B 108 11.39 5.52 10.10
C TRP B 108 12.48 6.53 9.79
N GLY B 109 12.87 6.60 8.52
CA GLY B 109 13.79 7.62 8.09
C GLY B 109 13.10 8.93 7.80
N GLN B 110 13.90 9.94 7.50
CA GLN B 110 13.36 11.25 7.14
C GLN B 110 12.86 11.30 5.70
N GLY B 111 13.21 10.33 4.88
CA GLY B 111 12.76 10.29 3.49
C GLY B 111 13.63 11.09 2.55
N THR B 112 13.86 10.56 1.35
CA THR B 112 14.59 11.28 0.31
C THR B 112 13.71 11.37 -0.93
N THR B 113 13.79 12.49 -1.64
CA THR B 113 12.93 12.75 -2.78
C THR B 113 13.57 12.26 -4.07
N VAL B 114 12.76 11.62 -4.93
CA VAL B 114 13.19 11.16 -6.24
C VAL B 114 12.20 11.70 -7.27
N THR B 115 12.71 12.45 -8.25
CA THR B 115 11.89 13.03 -9.30
C THR B 115 12.35 12.50 -10.65
N VAL B 116 11.44 11.80 -11.34
CA VAL B 116 11.71 11.23 -12.65
C VAL B 116 10.98 12.11 -13.66
N SER B 117 11.73 12.97 -14.35
CA SER B 117 11.13 13.89 -15.30
C SER B 117 12.17 14.29 -16.33
N SER B 118 11.71 14.49 -17.56
CA SER B 118 12.55 15.00 -18.65
C SER B 118 12.15 16.43 -19.02
N ALA B 119 11.42 17.12 -18.15
CA ALA B 119 10.91 18.44 -18.46
C ALA B 119 12.05 19.45 -18.54
N SER B 120 11.97 20.33 -19.53
CA SER B 120 12.89 21.44 -19.73
C SER B 120 12.11 22.75 -19.71
N THR B 121 12.83 23.86 -19.85
CA THR B 121 12.19 25.16 -19.86
C THR B 121 11.28 25.29 -21.07
N LYS B 122 9.99 25.53 -20.83
CA LYS B 122 9.01 25.59 -21.90
C LYS B 122 7.98 26.67 -21.59
N GLY B 123 7.63 27.45 -22.61
CA GLY B 123 6.61 28.47 -22.49
C GLY B 123 5.23 27.86 -22.38
N PRO B 124 4.31 28.58 -21.76
CA PRO B 124 2.95 28.06 -21.60
C PRO B 124 2.06 28.34 -22.79
N SER B 125 0.93 27.65 -22.82
CA SER B 125 -0.14 27.89 -23.78
C SER B 125 -1.33 28.47 -23.02
N VAL B 126 -1.86 29.59 -23.50
CA VAL B 126 -2.90 30.33 -22.80
C VAL B 126 -4.18 30.22 -23.60
N PHE B 127 -5.21 29.68 -22.99
CA PHE B 127 -6.47 29.35 -23.67
C PHE B 127 -7.63 30.01 -22.95
N PRO B 128 -8.71 30.32 -23.68
CA PRO B 128 -9.87 30.99 -23.08
C PRO B 128 -10.97 30.06 -22.55
N LEU B 129 -11.38 30.28 -21.30
CA LEU B 129 -12.49 29.55 -20.68
C LEU B 129 -13.70 30.49 -20.69
N ALA B 130 -14.55 30.31 -21.71
CA ALA B 130 -15.65 31.23 -21.95
C ALA B 130 -16.79 30.96 -20.97
N PRO B 131 -17.62 31.97 -20.71
CA PRO B 131 -18.77 31.79 -19.82
C PRO B 131 -19.95 31.19 -20.58
N SER B 132 -21.04 30.97 -19.86
CA SER B 132 -22.26 30.40 -20.42
C SER B 132 -22.99 31.42 -21.29
N THR B 140 -23.04 34.96 -11.04
CA THR B 140 -23.44 35.53 -12.32
C THR B 140 -22.74 34.81 -13.48
N ALA B 141 -21.55 35.28 -13.84
CA ALA B 141 -20.77 34.66 -14.91
C ALA B 141 -19.33 34.49 -14.45
N ALA B 142 -18.66 33.49 -15.02
CA ALA B 142 -17.28 33.17 -14.67
C ALA B 142 -16.45 33.07 -15.94
N LEU B 143 -15.38 33.86 -16.01
CA LEU B 143 -14.43 33.83 -17.12
C LEU B 143 -13.13 33.20 -16.65
N GLY B 144 -12.42 32.55 -17.56
CA GLY B 144 -11.21 31.84 -17.17
C GLY B 144 -10.10 31.98 -18.18
N CYS B 145 -8.87 31.86 -17.67
CA CYS B 145 -7.67 31.74 -18.48
C CYS B 145 -6.97 30.45 -18.07
N LEU B 146 -6.72 29.57 -19.04
CA LEU B 146 -6.06 28.29 -18.80
C LEU B 146 -4.61 28.39 -19.25
N VAL B 147 -3.68 28.21 -18.32
CA VAL B 147 -2.26 28.20 -18.60
C VAL B 147 -1.79 26.75 -18.57
N LYS B 148 -1.23 26.27 -19.67
CA LYS B 148 -0.99 24.84 -19.85
C LYS B 148 0.45 24.58 -20.25
N ASP B 149 1.03 23.50 -19.70
CA ASP B 149 2.27 22.91 -20.20
C ASP B 149 3.42 23.92 -20.17
N TYR B 150 3.75 24.37 -18.96
CA TYR B 150 4.87 25.27 -18.74
C TYR B 150 5.77 24.73 -17.65
N PHE B 151 7.06 25.06 -17.75
CA PHE B 151 8.06 24.63 -16.79
C PHE B 151 9.23 25.60 -16.86
N PRO B 152 9.81 26.00 -15.73
CA PRO B 152 9.36 25.64 -14.38
C PRO B 152 8.50 26.73 -13.75
N GLU B 153 8.22 26.59 -12.46
CA GLU B 153 7.50 27.62 -11.73
C GLU B 153 8.39 28.84 -11.50
N PRO B 154 7.80 30.02 -11.28
CA PRO B 154 6.36 30.31 -11.27
C PRO B 154 5.89 31.09 -12.49
N VAL B 155 4.58 31.33 -12.54
CA VAL B 155 3.97 32.14 -13.59
C VAL B 155 3.05 33.16 -12.91
N THR B 156 2.96 34.34 -13.52
CA THR B 156 2.14 35.42 -12.97
C THR B 156 0.96 35.69 -13.90
N VAL B 157 -0.22 35.85 -13.29
CA VAL B 157 -1.45 36.08 -14.04
C VAL B 157 -2.10 37.36 -13.53
N SER B 158 -2.47 38.24 -14.47
CA SER B 158 -3.20 39.46 -14.17
C SER B 158 -4.36 39.58 -15.15
N TRP B 159 -5.29 40.48 -14.84
CA TRP B 159 -6.44 40.73 -15.71
C TRP B 159 -6.52 42.22 -16.01
N ASN B 160 -6.54 42.57 -17.30
CA ASN B 160 -6.60 43.95 -17.75
C ASN B 160 -5.46 44.77 -17.15
N SER B 161 -4.24 44.30 -17.40
CA SER B 161 -3.01 44.95 -16.95
C SER B 161 -2.98 45.12 -15.43
N GLY B 162 -3.60 44.19 -14.71
CA GLY B 162 -3.64 44.24 -13.26
C GLY B 162 -4.65 45.21 -12.68
N ALA B 163 -5.47 45.84 -13.50
CA ALA B 163 -6.47 46.79 -13.02
C ALA B 163 -7.72 46.10 -12.49
N LEU B 164 -7.89 44.80 -12.73
CA LEU B 164 -9.05 44.05 -12.26
C LEU B 164 -8.57 43.08 -11.18
N THR B 165 -9.00 43.33 -9.93
CA THR B 165 -8.60 42.50 -8.80
C THR B 165 -9.76 41.97 -7.98
N SER B 166 -10.94 42.59 -8.03
CA SER B 166 -12.07 42.12 -7.26
C SER B 166 -12.72 40.93 -7.96
N GLY B 167 -12.69 39.78 -7.31
CA GLY B 167 -13.26 38.57 -7.87
C GLY B 167 -12.27 37.69 -8.60
N VAL B 168 -10.98 37.97 -8.52
CA VAL B 168 -9.97 37.16 -9.20
C VAL B 168 -9.56 36.01 -8.28
N HIS B 169 -9.19 34.90 -8.89
CA HIS B 169 -8.70 33.74 -8.15
C HIS B 169 -7.79 32.95 -9.07
N THR B 170 -6.49 32.97 -8.79
CA THR B 170 -5.50 32.21 -9.54
C THR B 170 -5.18 30.95 -8.76
N PHE B 171 -5.68 29.81 -9.24
CA PHE B 171 -5.53 28.56 -8.51
C PHE B 171 -4.08 28.08 -8.55
N PRO B 172 -3.63 27.39 -7.51
CA PRO B 172 -2.28 26.81 -7.54
C PRO B 172 -2.15 25.82 -8.68
N ALA B 173 -0.98 25.80 -9.30
CA ALA B 173 -0.76 24.98 -10.48
C ALA B 173 -0.74 23.49 -10.11
N VAL B 174 -1.02 22.67 -11.10
CA VAL B 174 -0.94 21.22 -10.98
C VAL B 174 0.46 20.77 -11.39
N LEU B 175 0.93 19.68 -10.79
CA LEU B 175 2.19 19.05 -11.16
C LEU B 175 1.86 17.82 -11.98
N GLN B 176 2.20 17.85 -13.26
CA GLN B 176 1.80 16.81 -14.19
C GLN B 176 2.75 15.61 -14.12
N SER B 177 2.27 14.47 -14.61
CA SER B 177 3.12 13.29 -14.70
C SER B 177 4.30 13.53 -15.62
N SER B 178 4.07 14.23 -16.73
CA SER B 178 5.14 14.61 -17.65
C SER B 178 6.16 15.55 -17.03
N GLY B 179 5.84 16.18 -15.89
CA GLY B 179 6.73 17.11 -15.23
C GLY B 179 6.40 18.57 -15.46
N LEU B 180 5.45 18.87 -16.34
CA LEU B 180 5.08 20.25 -16.63
C LEU B 180 4.07 20.76 -15.61
N TYR B 181 3.66 22.02 -15.78
CA TYR B 181 2.72 22.66 -14.87
C TYR B 181 1.55 23.23 -15.65
N SER B 182 0.43 23.39 -14.95
CA SER B 182 -0.76 24.00 -15.55
C SER B 182 -1.64 24.54 -14.44
N LEU B 183 -2.23 25.69 -14.68
CA LEU B 183 -3.16 26.29 -13.73
C LEU B 183 -4.28 27.00 -14.48
N SER B 184 -5.22 27.54 -13.72
CA SER B 184 -6.32 28.32 -14.26
C SER B 184 -6.52 29.55 -13.39
N SER B 185 -6.99 30.63 -14.01
CA SER B 185 -7.34 31.85 -13.30
C SER B 185 -8.78 32.21 -13.64
N VAL B 186 -9.58 32.48 -12.61
CA VAL B 186 -11.01 32.69 -12.77
C VAL B 186 -11.38 34.09 -12.27
N VAL B 187 -12.26 34.75 -13.00
CA VAL B 187 -12.82 36.04 -12.60
C VAL B 187 -14.33 35.93 -12.62
N THR B 188 -14.98 36.32 -11.53
CA THR B 188 -16.43 36.33 -11.43
C THR B 188 -16.93 37.70 -11.88
N VAL B 189 -17.54 37.74 -13.06
CA VAL B 189 -18.01 38.98 -13.66
C VAL B 189 -19.53 38.93 -13.74
N PRO B 190 -20.23 40.07 -13.76
CA PRO B 190 -21.69 40.03 -13.86
C PRO B 190 -22.16 39.67 -15.25
N SER B 191 -23.31 39.00 -15.32
CA SER B 191 -23.87 38.62 -16.61
C SER B 191 -24.28 39.83 -17.44
N SER B 192 -24.49 40.99 -16.81
CA SER B 192 -24.84 42.20 -17.53
C SER B 192 -23.65 42.82 -18.26
N SER B 193 -22.42 42.42 -17.93
CA SER B 193 -21.23 42.97 -18.54
C SER B 193 -20.55 41.98 -19.49
N LEU B 194 -21.26 40.93 -19.90
CA LEU B 194 -20.68 39.93 -20.79
C LEU B 194 -20.37 40.52 -22.16
N GLY B 195 -21.35 41.20 -22.77
CA GLY B 195 -21.16 41.78 -24.09
C GLY B 195 -20.89 43.27 -24.06
N THR B 196 -20.53 43.80 -22.89
CA THR B 196 -20.28 45.22 -22.72
C THR B 196 -18.81 45.55 -22.50
N GLN B 197 -18.15 44.86 -21.57
CA GLN B 197 -16.76 45.12 -21.25
C GLN B 197 -15.87 44.02 -21.84
N THR B 198 -14.63 44.41 -22.15
CA THR B 198 -13.64 43.48 -22.67
C THR B 198 -12.73 43.01 -21.55
N TYR B 199 -12.45 41.71 -21.52
CA TYR B 199 -11.65 41.09 -20.47
C TYR B 199 -10.36 40.55 -21.09
N ILE B 200 -9.23 41.10 -20.67
CA ILE B 200 -7.92 40.70 -21.17
C ILE B 200 -7.14 40.08 -20.02
N CYS B 201 -6.70 38.85 -20.20
CA CYS B 201 -5.89 38.14 -19.23
C CYS B 201 -4.45 38.10 -19.72
N ASN B 202 -3.52 38.56 -18.88
CA ASN B 202 -2.11 38.64 -19.21
C ASN B 202 -1.34 37.64 -18.36
N VAL B 203 -0.59 36.76 -19.02
CA VAL B 203 0.19 35.72 -18.37
C VAL B 203 1.66 35.95 -18.69
N ASN B 204 2.48 36.01 -17.65
CA ASN B 204 3.90 36.28 -17.76
C ASN B 204 4.68 35.13 -17.13
N HIS B 205 5.53 34.49 -17.93
CA HIS B 205 6.41 33.40 -17.51
C HIS B 205 7.84 33.86 -17.77
N LYS B 206 8.56 34.22 -16.71
CA LYS B 206 9.88 34.82 -16.82
C LYS B 206 10.97 33.85 -17.26
N PRO B 207 10.98 32.58 -16.80
CA PRO B 207 12.03 31.66 -17.28
C PRO B 207 12.09 31.52 -18.79
N SER B 208 10.95 31.53 -19.47
CA SER B 208 10.91 31.40 -20.92
C SER B 208 10.63 32.73 -21.62
N ASN B 209 10.57 33.83 -20.88
CA ASN B 209 10.34 35.17 -21.46
C ASN B 209 9.06 35.21 -22.28
N THR B 210 8.01 34.56 -21.78
CA THR B 210 6.75 34.42 -22.50
C THR B 210 5.70 35.31 -21.86
N LYS B 211 5.25 36.33 -22.60
CA LYS B 211 4.17 37.21 -22.16
C LYS B 211 3.05 37.14 -23.17
N VAL B 212 1.87 36.72 -22.73
CA VAL B 212 0.74 36.49 -23.63
C VAL B 212 -0.49 37.19 -23.06
N ASP B 213 -1.18 37.95 -23.91
CA ASP B 213 -2.45 38.56 -23.57
C ASP B 213 -3.55 37.89 -24.37
N LYS B 214 -4.64 37.52 -23.70
CA LYS B 214 -5.73 36.77 -24.30
C LYS B 214 -7.07 37.41 -23.95
N LYS B 215 -7.93 37.54 -24.95
CA LYS B 215 -9.27 38.08 -24.77
C LYS B 215 -10.26 36.93 -24.63
N VAL B 216 -11.08 36.99 -23.58
CA VAL B 216 -12.10 35.97 -23.31
C VAL B 216 -13.47 36.58 -23.59
N GLU B 217 -14.19 36.00 -24.53
CA GLU B 217 -15.50 36.49 -24.93
C GLU B 217 -16.49 35.33 -24.96
N PRO B 218 -17.78 35.61 -24.72
CA PRO B 218 -18.78 34.53 -24.79
C PRO B 218 -18.88 33.96 -26.19
N LYS B 219 -19.18 32.66 -26.26
CA LYS B 219 -19.30 31.97 -27.54
C LYS B 219 -20.67 32.19 -28.16
N TYR C 1 -5.64 -7.10 -2.34
CA TYR C 1 -6.26 -6.72 -1.08
C TYR C 1 -6.42 -5.21 -0.99
N GLU C 2 -7.52 -4.78 -0.38
CA GLU C 2 -7.80 -3.36 -0.18
C GLU C 2 -8.20 -3.09 1.25
N LEU C 3 -7.63 -2.04 1.83
CA LEU C 3 -8.02 -1.54 3.14
C LEU C 3 -8.79 -0.24 2.93
N THR C 4 -10.02 -0.19 3.42
CA THR C 4 -10.91 0.92 3.16
C THR C 4 -10.95 1.86 4.36
N GLN C 5 -10.62 3.13 4.12
CA GLN C 5 -10.68 4.15 5.15
C GLN C 5 -11.54 5.31 4.65
N PRO C 6 -12.28 5.95 5.55
CA PRO C 6 -12.94 7.20 5.17
C PRO C 6 -11.91 8.27 4.87
N PRO C 7 -12.02 8.96 3.74
CA PRO C 7 -10.98 9.94 3.38
C PRO C 7 -10.84 11.07 4.38
N SER C 8 -11.93 11.51 5.02
CA SER C 8 -11.90 12.65 5.92
C SER C 8 -12.67 12.34 7.20
N VAL C 9 -12.12 12.79 8.33
CA VAL C 9 -12.80 12.77 9.61
C VAL C 9 -12.54 14.10 10.30
N SER C 10 -13.61 14.78 10.72
CA SER C 10 -13.51 16.09 11.34
C SER C 10 -14.12 16.03 12.74
N VAL C 11 -13.42 16.61 13.71
CA VAL C 11 -13.83 16.56 15.11
C VAL C 11 -13.39 17.85 15.78
N ALA C 12 -14.27 18.42 16.61
CA ALA C 12 -13.95 19.63 17.35
C ALA C 12 -12.94 19.33 18.45
N PRO C 13 -12.13 20.32 18.84
CA PRO C 13 -11.12 20.08 19.88
C PRO C 13 -11.75 19.60 21.17
N GLY C 14 -11.12 18.59 21.78
CA GLY C 14 -11.62 18.00 23.01
C GLY C 14 -12.59 16.85 22.80
N GLN C 15 -13.17 16.71 21.61
CA GLN C 15 -14.09 15.63 21.31
C GLN C 15 -13.31 14.37 20.92
N THR C 16 -14.03 13.29 20.68
CA THR C 16 -13.44 12.00 20.35
C THR C 16 -13.59 11.72 18.87
N ALA C 17 -12.49 11.31 18.24
CA ALA C 17 -12.45 11.00 16.81
C ALA C 17 -12.25 9.50 16.60
N ARG C 18 -12.98 8.95 15.64
CA ARG C 18 -12.87 7.53 15.31
C ARG C 18 -12.56 7.39 13.83
N ILE C 19 -11.52 6.61 13.52
CA ILE C 19 -11.11 6.35 12.15
C ILE C 19 -11.21 4.85 11.90
N THR C 20 -11.99 4.47 10.90
CA THR C 20 -12.24 3.06 10.63
C THR C 20 -11.36 2.55 9.49
N CYS C 21 -11.16 1.23 9.49
CA CYS C 21 -10.40 0.55 8.47
C CYS C 21 -11.06 -0.81 8.23
N GLY C 22 -11.51 -1.04 7.01
CA GLY C 22 -12.22 -2.26 6.66
C GLY C 22 -11.42 -3.12 5.69
N GLY C 23 -11.50 -4.44 5.90
CA GLY C 23 -10.84 -5.38 5.03
C GLY C 23 -11.45 -6.75 5.17
N ASN C 24 -11.35 -7.56 4.11
CA ASN C 24 -11.99 -8.87 4.10
C ASN C 24 -11.40 -9.81 5.15
N ASN C 25 -10.10 -9.68 5.45
CA ASN C 25 -9.43 -10.58 6.37
C ASN C 25 -8.79 -9.82 7.53
N ILE C 26 -9.32 -8.65 7.87
CA ILE C 26 -8.74 -7.84 8.94
C ILE C 26 -8.80 -8.57 10.27
N GLY C 27 -9.87 -9.35 10.50
CA GLY C 27 -9.96 -10.10 11.75
C GLY C 27 -8.80 -11.05 11.95
N GLY C 28 -8.34 -11.67 10.88
CA GLY C 28 -7.17 -12.53 10.96
C GLY C 28 -5.83 -11.82 10.83
N GLN C 29 -5.84 -10.54 10.46
CA GLN C 29 -4.62 -9.79 10.25
C GLN C 29 -4.32 -8.90 11.44
N SER C 30 -3.05 -8.52 11.57
CA SER C 30 -2.62 -7.53 12.55
C SER C 30 -2.61 -6.16 11.89
N VAL C 31 -3.43 -5.24 12.42
CA VAL C 31 -3.59 -3.91 11.85
C VAL C 31 -2.69 -2.95 12.61
N HIS C 32 -1.97 -2.10 11.87
CA HIS C 32 -1.06 -1.11 12.44
C HIS C 32 -1.49 0.27 11.96
N TRP C 33 -1.62 1.20 12.89
CA TRP C 33 -2.03 2.57 12.58
C TRP C 33 -0.83 3.49 12.66
N TYR C 34 -0.61 4.26 11.60
CA TYR C 34 0.47 5.24 11.49
C TYR C 34 -0.13 6.62 11.33
N GLN C 35 0.53 7.61 11.94
CA GLN C 35 0.16 9.01 11.83
C GLN C 35 1.27 9.76 11.09
N GLN C 36 0.89 10.60 10.14
CA GLN C 36 1.83 11.44 9.39
C GLN C 36 1.35 12.88 9.46
N LYS C 37 2.10 13.72 10.18
CA LYS C 37 1.85 15.15 10.21
C LYS C 37 2.33 15.77 8.90
N PRO C 38 1.72 16.89 8.49
CA PRO C 38 2.11 17.51 7.21
C PRO C 38 3.59 17.86 7.18
N GLY C 39 4.30 17.29 6.19
CA GLY C 39 5.69 17.55 5.97
C GLY C 39 6.65 16.58 6.62
N GLN C 40 6.18 15.75 7.56
CA GLN C 40 7.04 14.83 8.28
C GLN C 40 6.87 13.40 7.78
N ALA C 41 7.64 12.48 8.37
CA ALA C 41 7.59 11.05 8.11
C ALA C 41 6.53 10.39 9.00
N PRO C 42 6.00 9.25 8.58
CA PRO C 42 4.99 8.56 9.41
C PRO C 42 5.58 8.10 10.74
N VAL C 43 4.73 8.09 11.76
CA VAL C 43 5.09 7.56 13.07
C VAL C 43 4.07 6.49 13.44
N LEU C 44 4.55 5.42 14.07
CA LEU C 44 3.70 4.32 14.48
C LEU C 44 2.95 4.72 15.76
N VAL C 45 1.63 4.69 15.71
CA VAL C 45 0.82 5.03 16.86
C VAL C 45 -0.02 3.86 17.37
N VAL C 46 -0.21 2.80 16.59
CA VAL C 46 -0.91 1.61 17.08
C VAL C 46 -0.31 0.39 16.40
N TYR C 47 -0.01 -0.66 17.17
CA TYR C 47 0.44 -1.92 16.60
C TYR C 47 -0.30 -3.08 17.22
N ASP C 48 -0.44 -4.17 16.45
CA ASP C 48 -1.13 -5.38 16.88
C ASP C 48 -2.58 -5.09 17.31
N ASP C 49 -3.19 -4.15 16.62
CA ASP C 49 -4.61 -3.79 16.69
C ASP C 49 -5.01 -3.06 17.97
N SER C 50 -4.19 -3.18 19.02
CA SER C 50 -4.59 -2.56 20.28
C SER C 50 -3.43 -2.10 21.14
N ASP C 51 -2.18 -2.20 20.70
CA ASP C 51 -1.04 -1.96 21.56
C ASP C 51 -0.46 -0.57 21.31
N ARG C 52 -0.18 0.14 22.40
CA ARG C 52 0.32 1.51 22.32
C ARG C 52 1.84 1.50 22.34
N PRO C 53 2.51 2.06 21.33
CA PRO C 53 3.98 2.15 21.38
C PRO C 53 4.43 3.10 22.48
N SER C 54 5.65 2.88 22.96
CA SER C 54 6.24 3.77 23.95
C SER C 54 6.38 5.18 23.41
N GLY C 55 5.94 6.15 24.20
CA GLY C 55 5.96 7.54 23.79
C GLY C 55 4.68 8.05 23.16
N ILE C 56 3.75 7.18 22.84
CA ILE C 56 2.48 7.58 22.24
C ILE C 56 1.50 7.90 23.36
N PRO C 57 0.77 9.02 23.29
CA PRO C 57 -0.18 9.36 24.34
C PRO C 57 -1.27 8.30 24.49
N GLU C 58 -1.74 8.15 25.73
CA GLU C 58 -2.74 7.13 26.03
C GLU C 58 -4.06 7.36 25.29
N ARG C 59 -4.30 8.57 24.80
CA ARG C 59 -5.55 8.87 24.11
C ARG C 59 -5.63 8.22 22.72
N PHE C 60 -4.54 7.65 22.23
CA PHE C 60 -4.55 6.91 20.97
C PHE C 60 -4.75 5.43 21.30
N SER C 61 -5.93 4.89 20.96
CA SER C 61 -6.27 3.51 21.28
C SER C 61 -6.68 2.77 20.02
N GLY C 62 -6.24 1.51 19.91
CA GLY C 62 -6.64 0.64 18.82
C GLY C 62 -7.69 -0.36 19.28
N SER C 63 -8.70 -0.56 18.43
CA SER C 63 -9.77 -1.50 18.69
C SER C 63 -9.99 -2.35 17.44
N ASN C 64 -10.39 -3.61 17.65
CA ASN C 64 -10.71 -4.51 16.56
C ASN C 64 -12.04 -5.17 16.83
N SER C 65 -12.93 -5.13 15.84
CA SER C 65 -14.24 -5.78 15.96
C SER C 65 -14.57 -6.42 14.62
N GLY C 66 -14.70 -7.74 14.60
CA GLY C 66 -14.99 -8.44 13.37
C GLY C 66 -13.89 -8.20 12.36
N ASN C 67 -14.26 -7.57 11.24
CA ASN C 67 -13.32 -7.24 10.18
C ASN C 67 -13.11 -5.73 10.06
N THR C 68 -13.32 -4.99 11.16
CA THR C 68 -13.13 -3.56 11.17
C THR C 68 -12.19 -3.16 12.30
N ALA C 69 -11.16 -2.40 11.97
CA ALA C 69 -10.22 -1.87 12.95
C ALA C 69 -10.47 -0.38 13.12
N THR C 70 -10.64 0.06 14.36
CA THR C 70 -10.92 1.46 14.66
C THR C 70 -9.80 2.05 15.48
N LEU C 71 -9.26 3.17 15.00
CA LEU C 71 -8.35 4.00 15.77
C LEU C 71 -9.15 5.10 16.44
N THR C 72 -9.14 5.13 17.78
CA THR C 72 -9.89 6.11 18.54
C THR C 72 -8.90 7.09 19.17
N ILE C 73 -9.09 8.37 18.89
CA ILE C 73 -8.31 9.44 19.48
C ILE C 73 -9.23 10.23 20.39
N SER C 74 -8.96 10.18 21.69
CA SER C 74 -9.78 10.85 22.69
C SER C 74 -9.15 12.18 23.06
N ARG C 75 -10.01 13.12 23.47
CA ARG C 75 -9.59 14.46 23.87
C ARG C 75 -8.69 15.08 22.80
N VAL C 76 -9.25 15.18 21.59
CA VAL C 76 -8.48 15.55 20.41
C VAL C 76 -7.96 16.98 20.55
N GLU C 77 -6.68 17.16 20.32
CA GLU C 77 -6.06 18.49 20.26
C GLU C 77 -5.72 18.84 18.82
N ALA C 78 -5.53 20.14 18.59
CA ALA C 78 -5.26 20.62 17.24
C ALA C 78 -3.96 20.05 16.67
N GLY C 79 -3.02 19.66 17.53
CA GLY C 79 -1.78 19.08 17.05
C GLY C 79 -1.93 17.70 16.44
N ASP C 80 -3.08 17.06 16.63
CA ASP C 80 -3.32 15.74 16.06
C ASP C 80 -3.75 15.77 14.60
N GLU C 81 -3.98 16.96 14.05
CA GLU C 81 -4.31 17.11 12.63
C GLU C 81 -3.26 16.43 11.78
N ALA C 82 -3.65 15.39 11.04
CA ALA C 82 -2.65 14.61 10.31
C ALA C 82 -3.37 13.62 9.40
N ASP C 83 -2.58 12.88 8.63
CA ASP C 83 -3.09 11.78 7.82
C ASP C 83 -2.81 10.46 8.53
N TYR C 84 -3.86 9.66 8.72
CA TYR C 84 -3.76 8.41 9.46
C TYR C 84 -3.99 7.24 8.51
N TYR C 85 -3.08 6.27 8.58
CA TYR C 85 -3.08 5.12 7.68
C TYR C 85 -3.15 3.83 8.48
N CYS C 86 -4.00 2.91 8.02
CA CYS C 86 -4.02 1.55 8.54
C CYS C 86 -3.23 0.66 7.58
N GLN C 87 -2.49 -0.29 8.13
CA GLN C 87 -1.60 -1.13 7.34
C GLN C 87 -1.67 -2.55 7.85
N VAL C 88 -1.68 -3.51 6.92
CA VAL C 88 -1.61 -4.94 7.23
C VAL C 88 -0.63 -5.60 6.27
N TRP C 89 -0.33 -6.87 6.55
CA TRP C 89 0.38 -7.73 5.62
C TRP C 89 -0.62 -8.74 5.07
N ASP C 90 -0.90 -8.66 3.78
CA ASP C 90 -1.80 -9.58 3.11
C ASP C 90 -1.01 -10.74 2.54
N SER C 91 -1.26 -11.94 3.07
CA SER C 91 -0.61 -13.15 2.63
C SER C 91 -1.31 -13.81 1.45
N SER C 92 -2.46 -13.28 1.01
CA SER C 92 -3.07 -13.75 -0.21
C SER C 92 -2.32 -13.26 -1.45
N SER C 93 -1.62 -12.12 -1.34
CA SER C 93 -0.87 -11.55 -2.45
C SER C 93 0.58 -11.24 -2.07
N ASP C 94 1.01 -11.59 -0.86
CA ASP C 94 2.36 -11.30 -0.36
C ASP C 94 2.70 -9.82 -0.52
N HIS C 95 1.85 -8.99 0.07
CA HIS C 95 1.98 -7.55 -0.04
C HIS C 95 1.82 -6.90 1.32
N VAL C 96 2.41 -5.72 1.48
CA VAL C 96 2.11 -4.84 2.61
C VAL C 96 1.10 -3.83 2.10
N VAL C 97 -0.12 -3.90 2.62
CA VAL C 97 -1.24 -3.11 2.11
C VAL C 97 -1.49 -1.95 3.06
N PHE C 98 -1.57 -0.75 2.50
CA PHE C 98 -1.90 0.47 3.22
C PHE C 98 -3.34 0.88 2.92
N GLY C 99 -3.96 1.51 3.91
CA GLY C 99 -5.25 2.13 3.67
C GLY C 99 -5.12 3.37 2.81
N GLY C 100 -6.27 3.89 2.38
CA GLY C 100 -6.26 5.08 1.55
C GLY C 100 -5.80 6.33 2.26
N GLY C 101 -5.83 6.32 3.59
CA GLY C 101 -5.46 7.49 4.35
C GLY C 101 -6.66 8.32 4.74
N THR C 102 -6.72 8.74 6.00
CA THR C 102 -7.78 9.58 6.51
C THR C 102 -7.20 10.89 6.99
N LYS C 103 -7.74 12.00 6.49
CA LYS C 103 -7.27 13.34 6.88
C LYS C 103 -8.06 13.76 8.11
N LEU C 104 -7.45 13.60 9.29
CA LEU C 104 -8.06 14.09 10.52
C LEU C 104 -7.77 15.58 10.65
N THR C 105 -8.83 16.38 10.57
CA THR C 105 -8.78 17.83 10.70
C THR C 105 -9.57 18.23 11.93
N VAL C 106 -8.95 19.00 12.82
CA VAL C 106 -9.59 19.49 14.02
C VAL C 106 -10.34 20.76 13.68
N LEU C 107 -11.65 20.76 13.94
CA LEU C 107 -12.52 21.84 13.45
C LEU C 107 -12.27 23.13 14.23
N GLY C 108 -11.86 24.17 13.50
CA GLY C 108 -11.73 25.49 14.07
C GLY C 108 -12.40 26.52 13.19
N GLN C 109 -13.50 26.09 12.56
CA GLN C 109 -14.17 26.88 11.54
C GLN C 109 -15.49 26.22 11.17
N PRO C 110 -16.55 26.98 10.88
CA PRO C 110 -17.78 26.36 10.40
C PRO C 110 -17.54 25.60 9.08
N LYS C 111 -18.25 24.50 8.92
CA LYS C 111 -18.13 23.70 7.71
C LYS C 111 -18.72 24.46 6.52
N ALA C 112 -18.03 24.38 5.38
CA ALA C 112 -18.43 25.09 4.17
C ALA C 112 -18.55 24.13 3.01
N ALA C 113 -19.68 24.17 2.32
CA ALA C 113 -19.87 23.31 1.16
C ALA C 113 -19.03 23.81 -0.01
N PRO C 114 -18.50 22.91 -0.85
CA PRO C 114 -17.64 23.34 -1.95
C PRO C 114 -18.42 24.00 -3.07
N SER C 115 -17.77 24.96 -3.73
CA SER C 115 -18.30 25.61 -4.93
C SER C 115 -17.49 25.11 -6.12
N VAL C 116 -18.18 24.58 -7.12
CA VAL C 116 -17.57 23.89 -8.24
C VAL C 116 -17.92 24.61 -9.53
N THR C 117 -16.90 24.89 -10.35
CA THR C 117 -17.09 25.44 -11.69
C THR C 117 -16.37 24.57 -12.70
N LEU C 118 -17.08 24.15 -13.74
CA LEU C 118 -16.52 23.28 -14.76
C LEU C 118 -16.45 24.02 -16.09
N PHE C 119 -15.30 23.93 -16.75
CA PHE C 119 -15.07 24.58 -18.02
C PHE C 119 -14.72 23.52 -19.08
N PRO C 120 -15.44 23.50 -20.19
CA PRO C 120 -15.15 22.54 -21.26
C PRO C 120 -13.99 23.04 -22.11
N PRO C 121 -13.43 22.18 -22.97
CA PRO C 121 -12.29 22.61 -23.80
C PRO C 121 -12.67 23.78 -24.70
N SER C 122 -11.73 24.70 -24.88
CA SER C 122 -11.95 25.85 -25.73
C SER C 122 -11.94 25.44 -27.21
N SER C 123 -12.53 26.30 -28.04
CA SER C 123 -12.52 26.05 -29.47
C SER C 123 -11.10 26.03 -30.03
N GLU C 124 -10.26 26.98 -29.59
CA GLU C 124 -8.87 26.99 -30.03
C GLU C 124 -8.14 25.73 -29.60
N GLU C 125 -8.51 25.15 -28.45
CA GLU C 125 -7.88 23.91 -28.01
C GLU C 125 -8.20 22.76 -28.96
N LEU C 126 -9.47 22.61 -29.32
CA LEU C 126 -9.85 21.57 -30.26
C LEU C 126 -9.26 21.83 -31.64
N GLN C 127 -9.06 23.10 -32.00
CA GLN C 127 -8.34 23.42 -33.24
C GLN C 127 -6.88 23.03 -33.17
N ALA C 128 -6.31 22.94 -31.97
CA ALA C 128 -4.92 22.54 -31.77
C ALA C 128 -4.78 21.05 -31.49
N ASN C 129 -5.81 20.25 -31.82
CA ASN C 129 -5.79 18.79 -31.66
C ASN C 129 -5.54 18.40 -30.20
N LYS C 130 -6.13 19.14 -29.27
CA LYS C 130 -6.06 18.82 -27.85
C LYS C 130 -7.39 19.21 -27.22
N ALA C 131 -7.57 18.81 -25.96
CA ALA C 131 -8.79 19.13 -25.22
C ALA C 131 -8.57 18.90 -23.73
N THR C 132 -8.93 19.89 -22.92
CA THR C 132 -8.79 19.81 -21.47
C THR C 132 -10.04 20.32 -20.79
N LEU C 133 -10.60 19.51 -19.90
CA LEU C 133 -11.72 19.89 -19.05
C LEU C 133 -11.18 20.35 -17.70
N VAL C 134 -11.64 21.52 -17.24
CA VAL C 134 -11.10 22.16 -16.04
C VAL C 134 -12.19 22.22 -14.98
N CYS C 135 -12.05 21.41 -13.93
CA CYS C 135 -12.92 21.48 -12.77
C CYS C 135 -12.22 22.26 -11.67
N LEU C 136 -12.92 23.22 -11.07
CA LEU C 136 -12.33 24.11 -10.09
C LEU C 136 -13.21 24.13 -8.85
N ILE C 137 -12.65 23.71 -7.71
CA ILE C 137 -13.37 23.61 -6.46
C ILE C 137 -12.79 24.66 -5.52
N SER C 138 -13.67 25.39 -4.83
CA SER C 138 -13.20 26.46 -3.96
C SER C 138 -14.16 26.63 -2.79
N ASP C 139 -13.65 27.23 -1.71
CA ASP C 139 -14.47 27.69 -0.58
C ASP C 139 -15.10 26.53 0.17
N PHE C 140 -14.29 25.53 0.51
CA PHE C 140 -14.77 24.37 1.25
C PHE C 140 -13.89 24.11 2.46
N TYR C 141 -14.51 23.63 3.53
CA TYR C 141 -13.84 23.26 4.77
C TYR C 141 -14.64 22.13 5.40
N PRO C 142 -13.98 21.06 5.88
CA PRO C 142 -12.53 20.84 5.91
C PRO C 142 -11.91 20.60 4.53
N GLY C 143 -10.61 20.81 4.43
CA GLY C 143 -9.92 20.71 3.15
C GLY C 143 -9.66 19.29 2.70
N ALA C 144 -10.72 18.58 2.33
CA ALA C 144 -10.61 17.22 1.82
C ALA C 144 -11.79 16.95 0.91
N VAL C 145 -11.52 16.72 -0.37
CA VAL C 145 -12.56 16.41 -1.35
C VAL C 145 -12.10 15.24 -2.20
N THR C 146 -13.08 14.53 -2.76
CA THR C 146 -12.84 13.46 -3.70
C THR C 146 -13.41 13.85 -5.07
N VAL C 147 -12.56 13.80 -6.09
CA VAL C 147 -12.94 14.22 -7.44
C VAL C 147 -13.14 12.97 -8.30
N ALA C 148 -14.29 12.89 -8.96
CA ALA C 148 -14.61 11.79 -9.86
C ALA C 148 -15.05 12.34 -11.20
N TRP C 149 -14.41 11.88 -12.28
CA TRP C 149 -14.78 12.27 -13.62
C TRP C 149 -15.62 11.17 -14.26
N LYS C 150 -16.69 11.56 -14.95
CA LYS C 150 -17.54 10.61 -15.63
C LYS C 150 -17.79 11.05 -17.07
N ALA C 151 -17.63 10.11 -18.00
CA ALA C 151 -18.07 10.30 -19.38
C ALA C 151 -19.47 9.72 -19.49
N ASP C 152 -20.45 10.59 -19.77
CA ASP C 152 -21.86 10.23 -19.66
C ASP C 152 -22.16 9.74 -18.24
N SER C 153 -22.12 8.42 -18.04
CA SER C 153 -22.33 7.86 -16.71
C SER C 153 -21.24 6.85 -16.33
N SER C 154 -20.17 6.74 -17.13
CA SER C 154 -19.09 5.77 -16.90
C SER C 154 -17.88 6.48 -16.29
N PRO C 155 -17.36 5.99 -15.17
CA PRO C 155 -16.20 6.65 -14.56
C PRO C 155 -14.98 6.60 -15.48
N VAL C 156 -14.18 7.66 -15.42
CA VAL C 156 -12.97 7.80 -16.21
C VAL C 156 -11.83 8.18 -15.27
N LYS C 157 -10.72 7.44 -15.34
CA LYS C 157 -9.54 7.74 -14.54
C LYS C 157 -8.32 8.12 -15.36
N ALA C 158 -8.25 7.72 -16.63
CA ALA C 158 -7.12 8.10 -17.47
C ALA C 158 -7.18 9.58 -17.81
N GLY C 159 -6.06 10.28 -17.62
CA GLY C 159 -5.99 11.70 -17.87
C GLY C 159 -6.45 12.57 -16.72
N VAL C 160 -6.92 12.00 -15.63
CA VAL C 160 -7.35 12.76 -14.47
C VAL C 160 -6.12 13.24 -13.70
N GLU C 161 -6.10 14.52 -13.34
CA GLU C 161 -4.99 15.08 -12.57
C GLU C 161 -5.54 16.14 -11.62
N THR C 162 -5.47 15.87 -10.32
CA THR C 162 -6.04 16.76 -9.31
C THR C 162 -4.94 17.27 -8.38
N THR C 163 -5.13 18.49 -7.89
CA THR C 163 -4.20 19.10 -6.95
C THR C 163 -4.60 18.81 -5.52
N THR C 164 -3.60 18.84 -4.63
CA THR C 164 -3.89 18.79 -3.21
C THR C 164 -4.60 20.07 -2.79
N PRO C 165 -5.58 19.99 -1.89
CA PRO C 165 -6.28 21.20 -1.46
C PRO C 165 -5.32 22.21 -0.82
N SER C 166 -5.55 23.48 -1.13
CA SER C 166 -4.68 24.56 -0.67
C SER C 166 -5.51 25.63 0.02
N LYS C 167 -4.98 26.16 1.11
CA LYS C 167 -5.69 27.20 1.86
C LYS C 167 -5.75 28.49 1.05
N GLN C 168 -6.93 29.11 1.06
CA GLN C 168 -7.13 30.37 0.36
C GLN C 168 -6.84 31.55 1.30
N SER C 169 -7.18 32.76 0.85
CA SER C 169 -7.00 33.93 1.69
C SER C 169 -8.00 33.96 2.83
N ASN C 170 -9.22 33.44 2.63
CA ASN C 170 -10.26 33.43 3.64
C ASN C 170 -10.24 32.17 4.48
N ASN C 171 -9.07 31.55 4.66
CA ASN C 171 -8.86 30.36 5.49
C ASN C 171 -9.63 29.14 4.99
N LYS C 172 -10.25 29.21 3.81
CA LYS C 172 -10.92 28.08 3.20
C LYS C 172 -10.00 27.41 2.19
N TYR C 173 -10.44 26.31 1.63
CA TYR C 173 -9.59 25.48 0.79
C TYR C 173 -10.07 25.50 -0.67
N ALA C 174 -9.12 25.25 -1.57
CA ALA C 174 -9.38 25.22 -3.00
C ALA C 174 -8.55 24.12 -3.64
N ALA C 175 -9.04 23.64 -4.78
CA ALA C 175 -8.35 22.60 -5.54
C ALA C 175 -8.78 22.69 -7.00
N SER C 176 -7.99 22.05 -7.86
CA SER C 176 -8.25 22.05 -9.29
C SER C 176 -8.01 20.65 -9.84
N SER C 177 -8.89 20.21 -10.74
CA SER C 177 -8.77 18.94 -11.44
C SER C 177 -8.83 19.18 -12.94
N TYR C 178 -8.04 18.42 -13.68
CA TYR C 178 -7.98 18.52 -15.12
C TYR C 178 -8.16 17.14 -15.74
N LEU C 179 -9.05 17.06 -16.71
CA LEU C 179 -9.26 15.86 -17.51
C LEU C 179 -8.71 16.11 -18.91
N SER C 180 -7.75 15.28 -19.32
CA SER C 180 -7.13 15.41 -20.63
C SER C 180 -7.66 14.30 -21.54
N LEU C 181 -8.12 14.69 -22.73
CA LEU C 181 -8.60 13.74 -23.71
C LEU C 181 -8.43 14.32 -25.11
N THR C 182 -8.49 13.44 -26.10
CA THR C 182 -8.46 13.87 -27.49
C THR C 182 -9.82 14.44 -27.90
N PRO C 183 -9.85 15.30 -28.91
CA PRO C 183 -11.15 15.83 -29.37
C PRO C 183 -12.12 14.74 -29.82
N GLU C 184 -11.59 13.59 -30.27
CA GLU C 184 -12.45 12.47 -30.64
C GLU C 184 -13.34 12.05 -29.47
N GLN C 185 -12.73 11.70 -28.33
CA GLN C 185 -13.52 11.31 -27.17
C GLN C 185 -14.38 12.44 -26.68
N TRP C 186 -13.92 13.69 -26.82
CA TRP C 186 -14.72 14.83 -26.39
C TRP C 186 -16.02 14.94 -27.18
N LYS C 187 -15.94 14.78 -28.49
CA LYS C 187 -17.12 14.95 -29.35
C LYS C 187 -17.88 13.66 -29.59
N SER C 188 -17.43 12.53 -29.04
CA SER C 188 -18.14 11.26 -29.15
C SER C 188 -18.79 10.84 -27.84
N HIS C 189 -19.27 11.80 -27.05
CA HIS C 189 -19.92 11.48 -25.79
C HIS C 189 -21.07 12.46 -25.54
N ARG C 190 -22.05 12.00 -24.75
CA ARG C 190 -23.18 12.85 -24.40
C ARG C 190 -22.72 14.06 -23.60
N SER C 191 -22.15 13.83 -22.43
CA SER C 191 -21.67 14.90 -21.57
C SER C 191 -20.57 14.37 -20.67
N TYR C 192 -19.76 15.29 -20.17
CA TYR C 192 -18.70 14.98 -19.21
C TYR C 192 -19.02 15.68 -17.90
N SER C 193 -18.95 14.92 -16.80
CA SER C 193 -19.35 15.42 -15.49
C SER C 193 -18.19 15.32 -14.51
N CYS C 194 -18.04 16.37 -13.71
CA CYS C 194 -17.10 16.40 -12.59
C CYS C 194 -17.90 16.38 -11.30
N GLN C 195 -17.66 15.35 -10.48
CA GLN C 195 -18.30 15.19 -9.18
C GLN C 195 -17.28 15.46 -8.10
N VAL C 196 -17.64 16.33 -7.16
CA VAL C 196 -16.80 16.66 -6.02
C VAL C 196 -17.54 16.25 -4.76
N THR C 197 -16.99 15.29 -4.04
CA THR C 197 -17.59 14.77 -2.82
C THR C 197 -16.85 15.34 -1.62
N HIS C 198 -17.58 16.08 -0.78
CA HIS C 198 -17.03 16.71 0.41
C HIS C 198 -17.93 16.35 1.59
N GLU C 199 -17.36 15.71 2.60
CA GLU C 199 -18.07 15.35 3.82
C GLU C 199 -19.35 14.59 3.52
N GLY C 200 -19.28 13.66 2.57
CA GLY C 200 -20.41 12.83 2.22
C GLY C 200 -21.47 13.48 1.36
N SER C 201 -21.23 14.70 0.86
CA SER C 201 -22.16 15.37 -0.03
C SER C 201 -21.49 15.61 -1.37
N THR C 202 -22.16 15.21 -2.45
CA THR C 202 -21.59 15.28 -3.79
C THR C 202 -22.22 16.44 -4.56
N VAL C 203 -21.37 17.25 -5.18
CA VAL C 203 -21.79 18.33 -6.05
C VAL C 203 -21.27 18.02 -7.45
N GLU C 204 -22.18 17.97 -8.42
CA GLU C 204 -21.86 17.54 -9.77
C GLU C 204 -22.07 18.69 -10.74
N LYS C 205 -21.13 18.86 -11.67
CA LYS C 205 -21.25 19.83 -12.75
C LYS C 205 -20.92 19.15 -14.07
N THR C 206 -21.80 19.28 -15.05
CA THR C 206 -21.63 18.63 -16.34
C THR C 206 -21.54 19.66 -17.46
N VAL C 207 -20.82 19.28 -18.52
CA VAL C 207 -20.74 20.08 -19.73
C VAL C 207 -20.89 19.15 -20.93
N ALA C 208 -21.32 19.73 -22.06
CA ALA C 208 -21.54 18.99 -23.29
C ALA C 208 -20.96 19.76 -24.46
N PRO C 209 -20.54 19.07 -25.52
CA PRO C 209 -20.02 19.77 -26.70
C PRO C 209 -21.09 20.65 -27.35
N THR C 210 -20.68 21.83 -27.78
CA THR C 210 -21.59 22.78 -28.39
C THR C 210 -21.24 23.04 -29.85
C1 NAG D . -9.44 -41.60 8.58
C2 NAG D . -8.68 -42.59 7.70
C3 NAG D . -9.51 -42.94 6.46
C4 NAG D . -10.91 -43.41 6.86
C5 NAG D . -11.57 -42.36 7.75
C6 NAG D . -12.92 -42.79 8.26
C7 NAG D . -6.33 -42.85 7.04
C8 NAG D . -5.08 -42.12 6.63
N2 NAG D . -7.38 -42.07 7.30
O3 NAG D . -8.85 -43.97 5.72
O4 NAG D . -11.70 -43.62 5.70
O5 NAG D . -10.75 -42.10 8.89
O6 NAG D . -13.78 -43.19 7.20
O7 NAG D . -6.38 -44.07 7.12
S SO4 E . 15.47 -31.74 16.79
O1 SO4 E . 16.57 -30.97 16.22
O2 SO4 E . 16.00 -32.70 17.77
O3 SO4 E . 14.54 -30.83 17.44
O4 SO4 E . 14.77 -32.48 15.75
S SO4 F . -13.60 -15.99 2.54
O1 SO4 F . -12.83 -14.78 2.85
O2 SO4 F . -13.64 -16.88 3.70
O3 SO4 F . -14.96 -15.64 2.18
O4 SO4 F . -12.97 -16.69 1.43
S SO4 G . -12.84 -10.05 17.18
O1 SO4 G . -13.69 -9.00 17.74
O2 SO4 G . -12.06 -10.67 18.25
O3 SO4 G . -11.93 -9.47 16.20
O4 SO4 G . -13.67 -11.06 16.53
S SO4 H . 18.94 -29.10 -1.89
O1 SO4 H . 20.23 -28.60 -2.36
O2 SO4 H . 19.17 -30.05 -0.79
O3 SO4 H . 18.13 -27.99 -1.41
O4 SO4 H . 18.26 -29.79 -2.98
S SO4 I . 24.70 0.51 16.43
O1 SO4 I . 24.69 1.78 17.15
O2 SO4 I . 25.90 -0.25 16.79
O3 SO4 I . 24.70 0.77 14.99
O4 SO4 I . 23.52 -0.27 16.79
S SO4 J . 29.36 -6.76 3.52
O1 SO4 J . 30.11 -7.64 2.63
O2 SO4 J . 29.78 -6.99 4.90
O3 SO4 J . 29.61 -5.36 3.16
O4 SO4 J . 27.94 -7.04 3.38
S SO4 K . 29.00 1.18 -1.06
O1 SO4 K . 30.39 1.39 -0.64
O2 SO4 K . 28.39 0.15 -0.24
O3 SO4 K . 28.26 2.43 -0.92
O4 SO4 K . 28.98 0.77 -2.46
C1 EDO L . -7.10 33.93 -3.54
O1 EDO L . -6.44 33.23 -2.48
C2 EDO L . -8.61 33.87 -3.34
O2 EDO L . -9.25 34.60 -4.38
S SO4 M . -10.40 -7.58 -1.63
O1 SO4 M . -10.48 -6.89 -0.34
O2 SO4 M . -10.28 -9.02 -1.41
O3 SO4 M . -11.61 -7.30 -2.41
O4 SO4 M . -9.24 -7.11 -2.37
S SO4 N . 5.46 5.07 27.83
O1 SO4 N . 6.44 4.00 27.79
O2 SO4 N . 6.13 6.35 28.04
O3 SO4 N . 4.50 4.82 28.90
O4 SO4 N . 4.74 5.12 26.56
S SO4 O . -17.56 -6.44 9.79
O1 SO4 O . -18.00 -5.31 10.61
O2 SO4 O . -16.98 -7.47 10.64
O3 SO4 O . -18.70 -7.00 9.07
O4 SO4 O . -16.57 -5.97 8.82
S SO4 P . -7.21 23.29 9.20
O1 SO4 P . -5.85 23.22 9.74
O2 SO4 P . -8.17 23.49 10.28
O3 SO4 P . -7.30 24.41 8.26
O4 SO4 P . -7.52 22.04 8.51
S SO4 Q . -13.90 6.10 -24.99
O1 SO4 Q . -12.77 5.28 -24.60
O2 SO4 Q . -14.96 6.01 -23.99
O3 SO4 Q . -14.42 5.64 -26.28
O4 SO4 Q . -13.47 7.49 -25.13
S SO4 R . -7.44 -6.46 -5.44
O1 SO4 R . -7.22 -7.90 -5.53
O2 SO4 R . -6.71 -5.91 -4.29
O3 SO4 R . -8.88 -6.20 -5.27
O4 SO4 R . -6.98 -5.81 -6.66
C1 EDO S . -18.59 9.87 22.59
O1 EDO S . -17.86 10.50 21.53
C2 EDO S . -17.68 8.94 23.38
O2 EDO S . -16.54 9.67 23.84
#